data_6O15
#
_entry.id   6O15
#
_cell.length_a   51.514
_cell.length_b   84.673
_cell.length_c   188.118
_cell.angle_alpha   90.000
_cell.angle_beta   90.000
_cell.angle_gamma   90.000
#
_symmetry.space_group_name_H-M   'P 21 21 21'
#
loop_
_entity.id
_entity.type
_entity.pdbx_description
1 polymer 'Uncharacterized oxidoreductase YjhC'
2 non-polymer 'SULFATE ION'
3 non-polymer NICOTINAMIDE-ADENINE-DINUCLEOTIDE
4 water water
#
_entity_poly.entity_id   1
_entity_poly.type   'polypeptide(L)'
_entity_poly.pdbx_seq_one_letter_code
;MINYGVVGVGYFGAELARFMNMHDNAKITCVYDPENGENIARELQCINMSSLDALVSSKLVDCVIVATPNYLHKEPVIKA
AKNKKHVFCEKPIALSYEDCVDMVKACKEAGVTFMAGHIMNFFNGVQYARKLIKEGVIGEILSCHTKRNGWENKQERLSW
KKMKEQSGGHLYHHIHELDCVQHLLGEIPETVTMIGGNLAHSGPGFGNEDDMLFMTLEFPSGKLATLEWGSAFNWPEHYV
IINGTKGSIKIDMQETAGSLRIGGQTKHFLVHETQEEDDDRRKGNMTSEMDGAIAYGHPGKKTPLWLASLIRKETLFLHN
ILCGAKPEEDYIDLLNGEAAMSAIATADAATLSRSQDRKVKISEIIKHTSVM
;
_entity_poly.pdbx_strand_id   A,B
#
loop_
_chem_comp.id
_chem_comp.type
_chem_comp.name
_chem_comp.formula
NAD non-polymer NICOTINAMIDE-ADENINE-DINUCLEOTIDE 'C21 H27 N7 O14 P2'
SO4 non-polymer 'SULFATE ION' 'O4 S -2'
#
# COMPACT_ATOMS: atom_id res chain seq x y z
N MET A 1 -34.02 31.63 -13.77
CA MET A 1 -34.60 30.42 -13.13
C MET A 1 -33.92 30.04 -11.80
N ILE A 2 -32.60 29.82 -11.77
CA ILE A 2 -31.94 29.57 -10.49
C ILE A 2 -30.84 30.61 -10.30
N ASN A 3 -30.92 31.33 -9.18
CA ASN A 3 -29.92 32.32 -8.78
C ASN A 3 -29.05 31.74 -7.68
N TYR A 4 -27.75 31.93 -7.81
CA TYR A 4 -26.78 31.36 -6.88
C TYR A 4 -25.98 32.44 -6.18
N GLY A 5 -25.71 32.23 -4.90
CA GLY A 5 -24.76 33.03 -4.14
C GLY A 5 -23.60 32.14 -3.74
N VAL A 6 -22.38 32.63 -3.92
CA VAL A 6 -21.19 31.82 -3.66
C VAL A 6 -20.46 32.38 -2.44
N VAL A 7 -20.33 31.54 -1.41
CA VAL A 7 -19.60 31.88 -0.19
C VAL A 7 -18.22 31.24 -0.32
N GLY A 8 -17.20 32.08 -0.49
CA GLY A 8 -15.86 31.65 -0.80
C GLY A 8 -15.60 31.60 -2.29
N VAL A 9 -14.99 32.66 -2.84
CA VAL A 9 -14.64 32.71 -4.25
C VAL A 9 -13.13 32.87 -4.39
N GLY A 10 -12.42 31.93 -3.78
CA GLY A 10 -10.99 31.75 -4.04
C GLY A 10 -10.81 30.97 -5.33
N TYR A 11 -9.76 30.14 -5.37
CA TYR A 11 -9.47 29.39 -6.59
C TYR A 11 -10.69 28.61 -7.05
N PHE A 12 -11.23 27.77 -6.17
CA PHE A 12 -12.24 26.84 -6.65
C PHE A 12 -13.64 27.47 -6.68
N GLY A 13 -13.96 28.28 -5.67
CA GLY A 13 -15.26 28.93 -5.67
C GLY A 13 -15.45 29.86 -6.85
N ALA A 14 -14.40 30.57 -7.24
CA ALA A 14 -14.51 31.42 -8.44
C ALA A 14 -14.73 30.58 -9.68
N GLU A 15 -14.06 29.43 -9.79
CA GLU A 15 -14.30 28.53 -10.93
C GLU A 15 -15.72 27.97 -10.91
N LEU A 16 -16.23 27.56 -9.74
CA LEU A 16 -17.62 27.11 -9.67
C LEU A 16 -18.56 28.19 -10.19
N ALA A 17 -18.30 29.44 -9.81
CA ALA A 17 -19.14 30.55 -10.25
C ALA A 17 -19.05 30.73 -11.76
N ARG A 18 -17.83 30.78 -12.31
CA ARG A 18 -17.66 31.00 -13.74
C ARG A 18 -18.35 29.91 -14.54
N PHE A 19 -18.18 28.65 -14.12
CA PHE A 19 -18.78 27.56 -14.88
C PHE A 19 -20.29 27.52 -14.71
N MET A 20 -20.79 27.78 -13.50
CA MET A 20 -22.24 27.83 -13.32
C MET A 20 -22.89 28.89 -14.21
N ASN A 21 -22.25 30.06 -14.36
CA ASN A 21 -22.80 31.13 -15.20
C ASN A 21 -22.88 30.72 -16.67
N MET A 22 -22.18 29.67 -17.09
CA MET A 22 -22.28 29.24 -18.48
C MET A 22 -23.58 28.51 -18.79
N HIS A 23 -24.28 28.02 -17.78
CA HIS A 23 -25.48 27.22 -18.00
C HIS A 23 -26.72 28.08 -18.20
N ASP A 24 -27.57 27.65 -19.12
CA ASP A 24 -28.80 28.39 -19.40
C ASP A 24 -29.63 28.48 -18.14
N ASN A 25 -30.14 29.68 -17.87
CA ASN A 25 -31.04 29.96 -16.76
C ASN A 25 -30.37 29.84 -15.39
N ALA A 26 -29.03 29.81 -15.35
CA ALA A 26 -28.27 29.89 -14.11
C ALA A 26 -27.58 31.25 -14.03
N LYS A 27 -27.60 31.88 -12.86
CA LYS A 27 -26.92 33.16 -12.67
C LYS A 27 -26.32 33.25 -11.27
N ILE A 28 -25.05 33.65 -11.19
CA ILE A 28 -24.44 34.06 -9.93
C ILE A 28 -24.84 35.50 -9.67
N THR A 29 -25.68 35.71 -8.66
CA THR A 29 -26.13 37.04 -8.31
C THR A 29 -25.29 37.72 -7.24
N CYS A 30 -24.55 36.96 -6.43
CA CYS A 30 -23.75 37.60 -5.40
C CYS A 30 -22.71 36.63 -4.88
N VAL A 31 -21.74 37.18 -4.16
CA VAL A 31 -20.66 36.43 -3.54
C VAL A 31 -20.44 36.98 -2.14
N TYR A 32 -19.87 36.17 -1.27
CA TYR A 32 -19.37 36.63 0.02
C TYR A 32 -17.98 36.08 0.24
N ASP A 33 -17.01 36.96 0.38
CA ASP A 33 -15.61 36.59 0.51
C ASP A 33 -14.83 37.86 0.88
N PRO A 34 -14.41 38.03 2.13
CA PRO A 34 -13.75 39.29 2.50
C PRO A 34 -12.52 39.59 1.68
N GLU A 35 -11.71 38.59 1.34
CA GLU A 35 -10.42 38.88 0.73
C GLU A 35 -10.53 39.01 -0.78
N ASN A 36 -11.36 38.20 -1.42
CA ASN A 36 -11.38 38.11 -2.88
C ASN A 36 -12.73 38.46 -3.47
N GLY A 37 -13.72 38.79 -2.64
CA GLY A 37 -15.06 39.07 -3.16
C GLY A 37 -15.13 40.31 -4.03
N GLU A 38 -14.35 41.36 -3.70
CA GLU A 38 -14.40 42.58 -4.50
C GLU A 38 -13.97 42.30 -5.93
N ASN A 39 -12.87 41.57 -6.11
CA ASN A 39 -12.33 41.29 -7.43
C ASN A 39 -13.27 40.40 -8.24
N ILE A 40 -13.76 39.33 -7.60
CA ILE A 40 -14.60 38.37 -8.31
C ILE A 40 -15.97 38.97 -8.62
N ALA A 41 -16.52 39.78 -7.73
CA ALA A 41 -17.82 40.36 -8.02
C ALA A 41 -17.74 41.33 -9.19
N ARG A 42 -16.61 42.02 -9.33
CA ARG A 42 -16.39 42.86 -10.51
C ARG A 42 -16.29 42.01 -11.76
N GLU A 43 -15.55 40.91 -11.69
CA GLU A 43 -15.42 40.03 -12.85
C GLU A 43 -16.78 39.49 -13.28
N LEU A 44 -17.59 39.06 -12.33
CA LEU A 44 -18.86 38.39 -12.62
C LEU A 44 -20.02 39.36 -12.78
N GLN A 45 -19.78 40.65 -12.62
CA GLN A 45 -20.84 41.65 -12.65
C GLN A 45 -21.97 41.27 -11.69
N CYS A 46 -21.61 41.04 -10.43
CA CYS A 46 -22.59 40.72 -9.40
C CYS A 46 -22.25 41.49 -8.12
N ILE A 47 -23.07 41.27 -7.11
CA ILE A 47 -22.94 41.97 -5.83
C ILE A 47 -21.96 41.25 -4.93
N ASN A 48 -21.04 42.01 -4.35
CA ASN A 48 -20.17 41.56 -3.28
C ASN A 48 -20.88 41.89 -1.97
N MET A 49 -21.39 40.87 -1.30
CA MET A 49 -22.16 41.07 -0.07
C MET A 49 -21.23 41.40 1.10
N SER A 50 -21.74 42.18 2.04
CA SER A 50 -20.93 42.63 3.16
C SER A 50 -20.91 41.66 4.32
N SER A 51 -21.75 40.64 4.30
CA SER A 51 -21.70 39.63 5.35
C SER A 51 -22.29 38.34 4.82
N LEU A 52 -21.98 37.23 5.50
CA LEU A 52 -22.61 35.97 5.18
C LEU A 52 -24.12 36.07 5.33
N ASP A 53 -24.59 36.69 6.41
CA ASP A 53 -26.03 36.81 6.65
C ASP A 53 -26.71 37.53 5.50
N ALA A 54 -26.09 38.59 4.99
CA ALA A 54 -26.69 39.32 3.88
C ALA A 54 -26.83 38.44 2.64
N LEU A 55 -25.90 37.52 2.43
CA LEU A 55 -25.98 36.66 1.26
C LEU A 55 -27.05 35.59 1.45
N VAL A 56 -27.01 34.88 2.58
CA VAL A 56 -27.92 33.75 2.74
C VAL A 56 -29.37 34.19 2.93
N SER A 57 -29.60 35.43 3.36
CA SER A 57 -30.96 35.94 3.52
C SER A 57 -31.43 36.72 2.30
N SER A 58 -30.61 36.81 1.26
CA SER A 58 -30.96 37.65 0.12
C SER A 58 -32.04 37.00 -0.72
N LYS A 59 -33.01 37.82 -1.14
CA LYS A 59 -34.02 37.37 -2.10
C LYS A 59 -33.42 37.07 -3.46
N LEU A 60 -32.19 37.53 -3.70
CA LEU A 60 -31.48 37.27 -4.95
C LEU A 60 -30.85 35.88 -5.00
N VAL A 61 -31.00 35.08 -3.94
CA VAL A 61 -30.32 33.80 -3.83
C VAL A 61 -31.37 32.70 -3.70
N ASP A 62 -31.28 31.69 -4.57
CA ASP A 62 -32.04 30.45 -4.43
C ASP A 62 -31.19 29.32 -3.89
N CYS A 63 -29.91 29.32 -4.21
CA CYS A 63 -28.99 28.26 -3.82
C CYS A 63 -27.68 28.90 -3.41
N VAL A 64 -27.10 28.41 -2.30
CA VAL A 64 -25.83 28.87 -1.77
C VAL A 64 -24.78 27.83 -2.09
N ILE A 65 -23.71 28.26 -2.76
CA ILE A 65 -22.58 27.40 -3.10
C ILE A 65 -21.47 27.71 -2.10
N VAL A 66 -21.01 26.69 -1.36
CA VAL A 66 -20.07 26.87 -0.26
C VAL A 66 -18.70 26.33 -0.68
N ALA A 67 -17.73 27.23 -0.78
CA ALA A 67 -16.38 26.92 -1.22
C ALA A 67 -15.35 27.65 -0.38
N THR A 68 -15.64 27.78 0.90
CA THR A 68 -14.70 28.31 1.86
C THR A 68 -13.68 27.26 2.23
N PRO A 69 -12.64 27.62 2.99
CA PRO A 69 -11.71 26.63 3.52
C PRO A 69 -12.43 25.52 4.28
N ASN A 70 -11.77 24.36 4.38
CA ASN A 70 -12.45 23.14 4.83
C ASN A 70 -13.09 23.29 6.20
N TYR A 71 -12.48 24.07 7.09
CA TYR A 71 -12.97 24.21 8.46
C TYR A 71 -14.07 25.25 8.58
N LEU A 72 -14.46 25.89 7.46
CA LEU A 72 -15.40 27.02 7.46
C LEU A 72 -16.63 26.72 6.62
N HIS A 73 -16.99 25.44 6.49
CA HIS A 73 -18.15 25.07 5.71
C HIS A 73 -19.45 25.08 6.50
N LYS A 74 -19.40 24.86 7.82
CA LYS A 74 -20.62 24.58 8.56
C LYS A 74 -21.57 25.78 8.59
N GLU A 75 -21.09 26.95 9.02
CA GLU A 75 -21.99 28.09 9.21
C GLU A 75 -22.72 28.47 7.92
N PRO A 76 -22.07 28.58 6.77
CA PRO A 76 -22.82 28.89 5.54
C PRO A 76 -23.94 27.90 5.24
N VAL A 77 -23.70 26.61 5.46
CA VAL A 77 -24.73 25.61 5.20
C VAL A 77 -25.88 25.73 6.20
N ILE A 78 -25.56 25.81 7.48
CA ILE A 78 -26.60 25.93 8.51
C ILE A 78 -27.45 27.17 8.26
N LYS A 79 -26.81 28.30 7.96
CA LYS A 79 -27.57 29.54 7.76
C LYS A 79 -28.33 29.53 6.44
N ALA A 80 -27.77 28.90 5.41
CA ALA A 80 -28.52 28.74 4.17
C ALA A 80 -29.82 27.97 4.42
N ALA A 81 -29.73 26.84 5.13
CA ALA A 81 -30.92 26.06 5.46
C ALA A 81 -31.92 26.88 6.26
N LYS A 82 -31.44 27.64 7.25
CA LYS A 82 -32.33 28.48 8.05
C LYS A 82 -33.12 29.44 7.18
N ASN A 83 -32.51 29.91 6.09
CA ASN A 83 -33.13 30.83 5.16
C ASN A 83 -33.79 30.13 3.98
N LYS A 84 -33.96 28.81 4.07
CA LYS A 84 -34.63 28.00 3.07
C LYS A 84 -33.96 28.13 1.71
N LYS A 85 -32.63 28.14 1.70
CA LYS A 85 -31.86 28.13 0.47
C LYS A 85 -31.29 26.73 0.24
N HIS A 86 -31.31 26.29 -1.01
CA HIS A 86 -30.62 25.07 -1.38
C HIS A 86 -29.13 25.27 -1.20
N VAL A 87 -28.40 24.15 -1.09
CA VAL A 87 -26.99 24.18 -0.73
C VAL A 87 -26.21 23.22 -1.61
N PHE A 88 -25.08 23.71 -2.13
CA PHE A 88 -24.01 22.87 -2.63
C PHE A 88 -22.80 23.15 -1.74
N CYS A 89 -22.15 22.10 -1.25
CA CYS A 89 -21.00 22.24 -0.37
C CYS A 89 -19.82 21.48 -0.92
N GLU A 90 -18.68 22.15 -1.01
CA GLU A 90 -17.47 21.49 -1.45
C GLU A 90 -17.01 20.44 -0.44
N LYS A 91 -16.23 19.49 -0.95
CA LYS A 91 -15.56 18.54 -0.06
C LYS A 91 -14.37 19.18 0.62
N PRO A 92 -13.90 18.61 1.73
CA PRO A 92 -14.66 17.69 2.57
C PRO A 92 -15.84 18.46 3.13
N ILE A 93 -16.99 17.81 3.29
CA ILE A 93 -18.16 18.54 3.76
C ILE A 93 -17.85 19.26 5.07
N ALA A 94 -17.26 18.55 6.02
CA ALA A 94 -16.81 19.15 7.27
C ALA A 94 -15.63 18.36 7.80
N LEU A 95 -15.07 18.81 8.92
CA LEU A 95 -13.91 18.18 9.54
C LEU A 95 -14.28 17.32 10.74
N SER A 96 -15.57 17.11 10.97
CA SER A 96 -16.01 16.18 12.00
C SER A 96 -17.34 15.58 11.57
N TYR A 97 -17.59 14.37 12.02
CA TYR A 97 -18.86 13.72 11.72
C TYR A 97 -20.03 14.48 12.32
N GLU A 98 -19.87 15.00 13.56
CA GLU A 98 -20.93 15.77 14.18
C GLU A 98 -21.31 16.96 13.31
N ASP A 99 -20.33 17.67 12.75
CA ASP A 99 -20.65 18.80 11.90
C ASP A 99 -21.36 18.35 10.63
N CYS A 100 -20.89 17.28 10.00
CA CYS A 100 -21.52 16.82 8.78
C CYS A 100 -22.97 16.42 9.02
N VAL A 101 -23.22 15.62 10.06
CA VAL A 101 -24.58 15.23 10.38
C VAL A 101 -25.45 16.45 10.64
N ASP A 102 -24.94 17.42 11.40
CA ASP A 102 -25.71 18.62 11.66
C ASP A 102 -26.10 19.33 10.37
N MET A 103 -25.16 19.37 9.41
CA MET A 103 -25.41 20.06 8.16
C MET A 103 -26.45 19.34 7.33
N VAL A 104 -26.32 18.01 7.21
CA VAL A 104 -27.31 17.21 6.48
C VAL A 104 -28.68 17.31 7.13
N LYS A 105 -28.73 17.22 8.47
CA LYS A 105 -30.01 17.29 9.17
C LYS A 105 -30.68 18.65 8.99
N ALA A 106 -29.89 19.73 9.04
CA ALA A 106 -30.48 21.06 8.91
C ALA A 106 -31.15 21.24 7.55
N CYS A 107 -30.48 20.79 6.49
CA CYS A 107 -31.04 20.90 5.15
C CYS A 107 -32.25 19.98 4.97
N LYS A 108 -32.21 18.76 5.51
CA LYS A 108 -33.38 17.88 5.44
C LYS A 108 -34.58 18.52 6.13
N GLU A 109 -34.39 19.00 7.36
CA GLU A 109 -35.49 19.59 8.12
C GLU A 109 -36.04 20.83 7.44
N ALA A 110 -35.20 21.61 6.74
CA ALA A 110 -35.66 22.80 6.05
C ALA A 110 -36.30 22.49 4.70
N GLY A 111 -36.22 21.26 4.24
CA GLY A 111 -36.79 20.88 2.97
C GLY A 111 -36.04 21.42 1.77
N VAL A 112 -34.74 21.65 1.90
CA VAL A 112 -33.92 22.15 0.80
C VAL A 112 -32.96 21.04 0.34
N THR A 113 -32.52 21.16 -0.91
CA THR A 113 -31.52 20.25 -1.46
C THR A 113 -30.16 20.57 -0.87
N PHE A 114 -29.41 19.51 -0.56
CA PHE A 114 -28.02 19.60 -0.09
C PHE A 114 -27.23 18.65 -0.97
N MET A 115 -26.34 19.19 -1.79
CA MET A 115 -25.46 18.39 -2.62
C MET A 115 -24.05 18.44 -2.09
N ALA A 116 -23.46 17.26 -1.93
CA ALA A 116 -22.05 17.12 -1.58
C ALA A 116 -21.21 17.10 -2.84
N GLY A 117 -20.24 17.99 -2.90
CA GLY A 117 -19.43 18.17 -4.09
C GLY A 117 -18.29 17.16 -4.25
N HIS A 118 -18.63 15.88 -4.20
CA HIS A 118 -17.63 14.82 -4.38
C HIS A 118 -17.42 14.60 -5.88
N ILE A 119 -16.58 15.47 -6.45
CA ILE A 119 -16.47 15.58 -7.90
C ILE A 119 -15.87 14.33 -8.55
N MET A 120 -15.12 13.51 -7.82
CA MET A 120 -14.49 12.36 -8.46
C MET A 120 -15.52 11.32 -8.92
N ASN A 121 -16.70 11.32 -8.34
CA ASN A 121 -17.76 10.44 -8.82
C ASN A 121 -18.13 10.74 -10.27
N PHE A 122 -17.89 11.96 -10.74
CA PHE A 122 -18.18 12.34 -12.10
C PHE A 122 -17.08 11.98 -13.09
N PHE A 123 -15.92 11.48 -12.64
CA PHE A 123 -14.91 11.05 -13.60
C PHE A 123 -15.49 9.99 -14.52
N ASN A 124 -15.23 10.13 -15.82
CA ASN A 124 -15.72 9.13 -16.76
CA ASN A 124 -15.64 9.14 -16.82
C ASN A 124 -15.19 7.73 -16.40
N GLY A 125 -13.93 7.62 -16.00
CA GLY A 125 -13.39 6.31 -15.67
C GLY A 125 -13.95 5.71 -14.39
N VAL A 126 -14.34 6.54 -13.43
CA VAL A 126 -15.00 6.04 -12.24
C VAL A 126 -16.39 5.52 -12.59
N GLN A 127 -17.13 6.28 -13.38
CA GLN A 127 -18.45 5.82 -13.81
C GLN A 127 -18.33 4.51 -14.57
N TYR A 128 -17.34 4.43 -15.46
CA TYR A 128 -17.17 3.23 -16.26
C TYR A 128 -16.79 2.05 -15.39
N ALA A 129 -15.84 2.25 -14.46
CA ALA A 129 -15.49 1.17 -13.56
C ALA A 129 -16.69 0.69 -12.76
N ARG A 130 -17.56 1.60 -12.30
CA ARG A 130 -18.75 1.18 -11.59
C ARG A 130 -19.59 0.25 -12.45
N LYS A 131 -19.74 0.57 -13.73
CA LYS A 131 -20.57 -0.25 -14.60
C LYS A 131 -19.91 -1.61 -14.85
N LEU A 132 -18.61 -1.63 -15.04
CA LEU A 132 -17.90 -2.91 -15.20
C LEU A 132 -18.06 -3.78 -13.97
N ILE A 133 -17.88 -3.19 -12.79
CA ILE A 133 -18.04 -3.93 -11.55
C ILE A 133 -19.44 -4.50 -11.46
N LYS A 134 -20.46 -3.67 -11.71
CA LYS A 134 -21.84 -4.08 -11.52
C LYS A 134 -22.22 -5.19 -12.49
N GLU A 135 -21.74 -5.13 -13.73
CA GLU A 135 -22.11 -6.14 -14.70
C GLU A 135 -21.48 -7.50 -14.38
N GLY A 136 -20.39 -7.51 -13.62
CA GLY A 136 -19.74 -8.72 -13.18
C GLY A 136 -18.46 -9.07 -13.90
N VAL A 137 -17.95 -8.17 -14.74
CA VAL A 137 -16.85 -8.54 -15.61
C VAL A 137 -15.55 -8.81 -14.85
N ILE A 138 -15.36 -8.25 -13.67
CA ILE A 138 -14.18 -8.62 -12.87
C ILE A 138 -14.54 -9.56 -11.74
N GLY A 139 -15.73 -10.17 -11.79
CA GLY A 139 -16.12 -11.11 -10.76
C GLY A 139 -16.50 -10.45 -9.45
N GLU A 140 -16.35 -11.21 -8.39
CA GLU A 140 -16.63 -10.71 -7.05
C GLU A 140 -15.49 -9.76 -6.66
N ILE A 141 -15.83 -8.64 -6.05
CA ILE A 141 -14.81 -7.67 -5.66
C ILE A 141 -14.17 -8.14 -4.37
N LEU A 142 -12.84 -8.10 -4.35
CA LEU A 142 -12.05 -8.55 -3.21
C LEU A 142 -11.42 -7.40 -2.45
N SER A 143 -10.81 -6.45 -3.15
CA SER A 143 -10.10 -5.38 -2.46
C SER A 143 -10.02 -4.16 -3.35
N CYS A 144 -9.75 -3.02 -2.71
N CYS A 144 -9.62 -3.05 -2.74
CA CYS A 144 -9.45 -1.77 -3.39
CA CYS A 144 -9.49 -1.78 -3.43
C CYS A 144 -8.20 -1.17 -2.80
C CYS A 144 -8.36 -1.02 -2.77
N HIS A 145 -7.56 -0.31 -3.59
CA HIS A 145 -6.33 0.31 -3.15
C HIS A 145 -6.16 1.66 -3.78
N THR A 146 -5.73 2.63 -2.99
CA THR A 146 -5.49 3.96 -3.54
C THR A 146 -4.12 4.46 -3.12
N LYS A 147 -3.57 5.32 -3.95
CA LYS A 147 -2.43 6.15 -3.58
C LYS A 147 -2.66 7.54 -4.12
N ARG A 148 -2.22 8.55 -3.37
CA ARG A 148 -2.21 9.94 -3.84
C ARG A 148 -0.96 10.55 -3.23
N ASN A 149 0.18 10.25 -3.85
CA ASN A 149 1.50 10.36 -3.25
C ASN A 149 2.35 11.24 -4.15
N GLY A 150 2.86 12.33 -3.60
CA GLY A 150 3.78 13.18 -4.33
C GLY A 150 4.66 13.94 -3.37
N TRP A 151 5.42 14.87 -3.91
CA TRP A 151 6.35 15.67 -3.12
C TRP A 151 5.95 17.13 -3.22
N GLU A 152 5.76 17.76 -2.07
CA GLU A 152 5.45 19.18 -2.01
C GLU A 152 6.63 19.91 -1.39
N ASN A 153 7.12 20.92 -2.09
CA ASN A 153 8.26 21.66 -1.59
C ASN A 153 7.78 22.75 -0.64
N LYS A 154 8.71 23.23 0.19
CA LYS A 154 8.41 24.36 1.07
C LYS A 154 7.88 25.51 0.23
N GLN A 155 6.71 26.01 0.60
CA GLN A 155 6.02 27.05 -0.13
C GLN A 155 6.30 28.43 0.49
N GLU A 156 6.20 29.46 -0.35
CA GLU A 156 6.52 30.82 0.08
C GLU A 156 5.65 31.24 1.25
N ARG A 157 4.34 31.24 1.04
CA ARG A 157 3.36 31.59 2.07
C ARG A 157 2.67 30.32 2.53
N LEU A 158 2.57 30.16 3.85
CA LEU A 158 1.92 28.97 4.41
C LEU A 158 0.42 29.21 4.44
N SER A 159 -0.33 28.34 3.76
CA SER A 159 -1.78 28.53 3.69
C SER A 159 -2.49 27.53 4.58
N TRP A 160 -3.79 27.80 4.76
CA TRP A 160 -4.65 26.96 5.56
C TRP A 160 -4.59 25.51 5.13
N LYS A 161 -4.20 25.23 3.89
CA LYS A 161 -4.25 23.86 3.39
C LYS A 161 -3.31 22.94 4.14
N LYS A 162 -2.26 23.48 4.76
CA LYS A 162 -1.25 22.67 5.42
C LYS A 162 -1.46 22.58 6.93
N MET A 163 -2.51 23.19 7.46
CA MET A 163 -2.79 23.17 8.89
C MET A 163 -3.90 22.16 9.17
N LYS A 164 -3.61 21.20 10.04
CA LYS A 164 -4.55 20.11 10.31
C LYS A 164 -5.90 20.65 10.77
N GLU A 165 -5.89 21.69 11.60
CA GLU A 165 -7.14 22.23 12.15
C GLU A 165 -7.95 23.00 11.13
N GLN A 166 -7.35 23.36 9.99
CA GLN A 166 -8.05 24.13 8.97
C GLN A 166 -8.39 23.31 7.73
N SER A 167 -7.50 22.41 7.32
CA SER A 167 -7.75 21.58 6.14
C SER A 167 -8.14 20.16 6.49
N GLY A 168 -7.82 19.72 7.71
CA GLY A 168 -7.97 18.34 8.09
C GLY A 168 -6.85 17.45 7.61
N GLY A 169 -5.82 18.00 7.01
CA GLY A 169 -4.73 17.22 6.44
C GLY A 169 -5.14 16.48 5.16
N HIS A 170 -4.26 15.59 4.73
CA HIS A 170 -4.46 14.92 3.45
C HIS A 170 -5.77 14.14 3.42
N LEU A 171 -6.14 13.54 4.55
CA LEU A 171 -7.28 12.62 4.57
C LEU A 171 -8.56 13.36 4.24
N TYR A 172 -8.78 14.51 4.88
CA TYR A 172 -10.00 15.27 4.60
C TYR A 172 -9.84 16.13 3.36
N HIS A 173 -8.71 16.82 3.21
CA HIS A 173 -8.53 17.68 2.05
C HIS A 173 -8.50 16.89 0.75
N HIS A 174 -7.95 15.67 0.77
CA HIS A 174 -8.00 14.80 -0.40
C HIS A 174 -8.87 13.58 -0.15
N ILE A 175 -10.07 13.84 0.37
CA ILE A 175 -10.98 12.76 0.72
C ILE A 175 -11.55 12.02 -0.49
N HIS A 176 -11.34 12.56 -1.69
CA HIS A 176 -11.87 11.97 -2.91
C HIS A 176 -11.59 10.46 -2.98
N GLU A 177 -10.34 10.07 -2.72
CA GLU A 177 -9.97 8.66 -2.89
C GLU A 177 -10.71 7.77 -1.91
N LEU A 178 -10.92 8.24 -0.67
CA LEU A 178 -11.66 7.45 0.30
C LEU A 178 -13.12 7.32 -0.12
N ASP A 179 -13.73 8.42 -0.51
CA ASP A 179 -15.10 8.37 -0.99
C ASP A 179 -15.22 7.46 -2.20
N CYS A 180 -14.18 7.46 -3.05
CA CYS A 180 -14.22 6.61 -4.24
C CYS A 180 -14.24 5.14 -3.88
N VAL A 181 -13.40 4.71 -2.93
CA VAL A 181 -13.41 3.32 -2.51
C VAL A 181 -14.79 2.94 -1.99
N GLN A 182 -15.37 3.78 -1.13
CA GLN A 182 -16.67 3.45 -0.56
C GLN A 182 -17.76 3.44 -1.63
N HIS A 183 -17.66 4.33 -2.62
CA HIS A 183 -18.61 4.36 -3.76
C HIS A 183 -18.46 3.12 -4.63
N LEU A 184 -17.22 2.73 -4.95
CA LEU A 184 -17.02 1.57 -5.82
C LEU A 184 -17.44 0.27 -5.14
N LEU A 185 -17.16 0.13 -3.85
CA LEU A 185 -17.58 -1.07 -3.13
C LEU A 185 -19.02 -1.02 -2.67
N GLY A 186 -19.61 0.17 -2.57
CA GLY A 186 -20.96 0.31 -2.06
C GLY A 186 -21.13 -0.15 -0.62
N GLU A 187 -20.11 0.08 0.21
CA GLU A 187 -20.10 -0.40 1.58
C GLU A 187 -19.27 0.55 2.42
N ILE A 188 -19.56 0.59 3.72
CA ILE A 188 -18.70 1.30 4.67
C ILE A 188 -17.91 0.26 5.47
N PRO A 189 -16.73 0.62 5.95
CA PRO A 189 -15.91 -0.34 6.67
C PRO A 189 -16.34 -0.52 8.10
N GLU A 190 -16.10 -1.72 8.63
CA GLU A 190 -16.35 -2.06 10.01
C GLU A 190 -15.19 -1.64 10.90
N THR A 191 -13.96 -1.76 10.41
CA THR A 191 -12.76 -1.44 11.17
C THR A 191 -11.84 -0.58 10.32
N VAL A 192 -11.29 0.45 10.95
CA VAL A 192 -10.46 1.45 10.28
C VAL A 192 -9.18 1.60 11.07
N THR A 193 -8.05 1.54 10.37
CA THR A 193 -6.73 1.75 10.99
C THR A 193 -5.99 2.77 10.14
N MET A 194 -5.33 3.72 10.78
CA MET A 194 -4.49 4.64 10.03
C MET A 194 -3.23 4.98 10.80
N ILE A 195 -2.11 4.88 10.13
CA ILE A 195 -0.81 5.25 10.63
C ILE A 195 -0.31 6.43 9.83
N GLY A 196 0.52 7.26 10.43
CA GLY A 196 0.99 8.42 9.71
C GLY A 196 2.13 9.07 10.45
N GLY A 197 2.65 10.11 9.84
CA GLY A 197 3.66 10.90 10.50
C GLY A 197 3.94 12.14 9.68
N ASN A 198 4.63 13.09 10.31
CA ASN A 198 5.13 14.29 9.64
C ASN A 198 6.62 14.05 9.51
N LEU A 199 7.03 13.52 8.36
CA LEU A 199 8.38 13.06 8.20
C LEU A 199 9.32 14.09 7.61
N ALA A 200 8.80 15.06 6.86
CA ALA A 200 9.67 16.01 6.19
C ALA A 200 9.06 17.41 6.09
N HIS A 201 7.99 17.70 6.81
CA HIS A 201 7.31 19.00 6.73
C HIS A 201 7.04 19.53 8.13
N SER A 202 8.07 19.47 8.97
CA SER A 202 7.98 19.89 10.36
C SER A 202 8.95 21.04 10.58
N GLY A 203 8.49 22.09 11.24
CA GLY A 203 9.36 23.18 11.62
C GLY A 203 8.94 24.51 11.04
N PRO A 204 9.76 25.54 11.27
CA PRO A 204 9.42 26.89 10.79
C PRO A 204 9.14 26.91 9.29
N GLY A 205 8.02 27.53 8.92
CA GLY A 205 7.62 27.66 7.54
C GLY A 205 6.75 26.53 7.04
N PHE A 206 6.57 25.48 7.84
CA PHE A 206 5.79 24.32 7.46
C PHE A 206 4.48 24.28 8.24
N GLY A 207 3.51 23.56 7.70
CA GLY A 207 2.32 23.25 8.44
C GLY A 207 2.57 22.20 9.51
N ASN A 208 1.47 21.71 10.07
CA ASN A 208 1.50 20.73 11.14
C ASN A 208 0.78 19.43 10.78
N GLU A 209 0.39 19.26 9.52
CA GLU A 209 -0.27 18.03 9.10
C GLU A 209 0.76 16.91 8.93
N ASP A 210 0.28 15.68 9.06
CA ASP A 210 1.09 14.54 8.63
C ASP A 210 1.36 14.69 7.13
N ASP A 211 2.54 14.28 6.68
CA ASP A 211 2.83 14.26 5.25
C ASP A 211 2.90 12.87 4.65
N MET A 212 2.61 11.83 5.44
CA MET A 212 2.35 10.49 4.94
C MET A 212 1.27 9.88 5.80
N LEU A 213 0.30 9.24 5.15
CA LEU A 213 -0.79 8.56 5.81
C LEU A 213 -1.00 7.22 5.13
N PHE A 214 -1.19 6.16 5.95
CA PHE A 214 -1.38 4.80 5.46
C PHE A 214 -2.58 4.20 6.18
N MET A 215 -3.68 4.05 5.47
CA MET A 215 -4.95 3.57 6.01
C MET A 215 -5.24 2.17 5.53
N THR A 216 -5.83 1.37 6.40
CA THR A 216 -6.39 0.07 6.01
CA THR A 216 -6.36 0.05 6.05
C THR A 216 -7.81 -0.04 6.49
N LEU A 217 -8.66 -0.55 5.62
CA LEU A 217 -10.08 -0.70 5.88
C LEU A 217 -10.46 -2.16 5.79
N GLU A 218 -11.34 -2.59 6.71
CA GLU A 218 -11.89 -3.95 6.68
C GLU A 218 -13.40 -3.82 6.64
N PHE A 219 -14.01 -4.42 5.65
CA PHE A 219 -15.44 -4.35 5.45
C PHE A 219 -16.12 -5.60 5.98
N PRO A 220 -17.34 -5.51 6.49
CA PRO A 220 -17.98 -6.71 7.07
C PRO A 220 -18.30 -7.77 6.04
N SER A 221 -18.31 -7.44 4.76
CA SER A 221 -18.45 -8.42 3.68
C SER A 221 -17.19 -9.25 3.50
N GLY A 222 -16.09 -8.89 4.13
CA GLY A 222 -14.81 -9.52 3.93
C GLY A 222 -13.89 -8.76 3.02
N LYS A 223 -14.40 -7.78 2.30
CA LYS A 223 -13.54 -6.99 1.42
C LYS A 223 -12.54 -6.17 2.24
N LEU A 224 -11.42 -5.87 1.63
CA LEU A 224 -10.32 -5.14 2.27
C LEU A 224 -9.91 -3.96 1.41
N ALA A 225 -9.33 -2.93 2.03
CA ALA A 225 -8.78 -1.83 1.24
C ALA A 225 -7.58 -1.22 1.92
N THR A 226 -6.66 -0.69 1.11
CA THR A 226 -5.58 0.14 1.59
C THR A 226 -5.62 1.46 0.87
N LEU A 227 -5.26 2.53 1.57
CA LEU A 227 -5.27 3.88 0.99
C LEU A 227 -4.07 4.63 1.54
N GLU A 228 -3.32 5.26 0.65
CA GLU A 228 -2.16 6.05 1.05
C GLU A 228 -2.28 7.46 0.51
N TRP A 229 -1.78 8.41 1.28
CA TRP A 229 -1.67 9.78 0.82
C TRP A 229 -0.36 10.36 1.33
N GLY A 230 0.18 11.31 0.58
CA GLY A 230 1.15 12.17 1.23
C GLY A 230 1.80 13.14 0.28
N SER A 231 2.61 14.00 0.91
CA SER A 231 3.34 15.07 0.25
C SER A 231 4.83 14.95 0.48
N ALA A 232 5.29 13.81 0.98
CA ALA A 232 6.70 13.53 1.19
C ALA A 232 7.19 12.34 0.38
N PHE A 233 6.60 12.08 -0.78
CA PHE A 233 6.94 10.95 -1.63
C PHE A 233 7.68 11.41 -2.88
N ASN A 234 8.94 11.01 -3.01
CA ASN A 234 9.70 11.24 -4.23
C ASN A 234 9.53 10.11 -5.26
N TRP A 235 8.60 9.20 -5.02
CA TRP A 235 8.15 8.19 -5.99
C TRP A 235 6.66 8.44 -6.17
N PRO A 236 6.27 9.26 -7.16
CA PRO A 236 4.86 9.69 -7.22
C PRO A 236 3.95 8.65 -7.84
N GLU A 237 2.77 8.48 -7.24
CA GLU A 237 1.75 7.59 -7.76
C GLU A 237 0.40 8.17 -7.39
N HIS A 238 -0.58 7.97 -8.24
CA HIS A 238 -1.93 8.47 -7.95
C HIS A 238 -2.92 7.58 -8.69
N TYR A 239 -3.62 6.73 -7.94
CA TYR A 239 -4.45 5.73 -8.60
C TYR A 239 -5.49 5.17 -7.65
N VAL A 240 -6.45 4.47 -8.26
CA VAL A 240 -7.37 3.57 -7.57
C VAL A 240 -7.29 2.23 -8.31
N ILE A 241 -7.10 1.13 -7.57
CA ILE A 241 -7.12 -0.23 -8.13
C ILE A 241 -8.28 -0.96 -7.49
N ILE A 242 -9.05 -1.68 -8.30
CA ILE A 242 -10.10 -2.58 -7.81
C ILE A 242 -9.72 -3.99 -8.24
N ASN A 243 -9.59 -4.91 -7.28
CA ASN A 243 -9.22 -6.29 -7.55
C ASN A 243 -10.44 -7.18 -7.37
N GLY A 244 -10.74 -7.97 -8.39
CA GLY A 244 -11.81 -8.95 -8.34
C GLY A 244 -11.34 -10.36 -8.65
N THR A 245 -12.27 -11.30 -8.56
CA THR A 245 -11.90 -12.70 -8.80
C THR A 245 -11.60 -12.98 -10.25
N LYS A 246 -12.18 -12.23 -11.19
CA LYS A 246 -12.00 -12.49 -12.62
C LYS A 246 -11.05 -11.51 -13.29
N GLY A 247 -10.78 -10.38 -12.68
CA GLY A 247 -9.89 -9.40 -13.25
C GLY A 247 -9.71 -8.27 -12.28
N SER A 248 -8.99 -7.24 -12.73
CA SER A 248 -8.72 -6.05 -11.92
C SER A 248 -8.81 -4.81 -12.79
N ILE A 249 -9.09 -3.68 -12.17
CA ILE A 249 -9.18 -2.39 -12.83
C ILE A 249 -8.22 -1.43 -12.15
N LYS A 250 -7.46 -0.67 -12.93
CA LYS A 250 -6.68 0.44 -12.41
C LYS A 250 -7.13 1.73 -13.07
N ILE A 251 -7.45 2.71 -12.24
CA ILE A 251 -7.73 4.08 -12.69
C ILE A 251 -6.48 4.86 -12.28
N ASP A 252 -5.60 5.12 -13.25
CA ASP A 252 -4.30 5.76 -12.98
C ASP A 252 -4.47 7.23 -13.37
N MET A 253 -4.41 8.11 -12.39
CA MET A 253 -4.49 9.54 -12.65
CA MET A 253 -4.49 9.55 -12.63
C MET A 253 -3.14 10.15 -13.00
N GLN A 254 -2.05 9.54 -12.56
CA GLN A 254 -0.72 10.07 -12.81
CA GLN A 254 -0.72 10.06 -12.80
C GLN A 254 -0.28 9.80 -14.25
N GLU A 255 -0.19 8.53 -14.62
CA GLU A 255 0.09 8.14 -16.00
C GLU A 255 -1.28 7.87 -16.62
N THR A 256 -1.96 8.96 -16.93
CA THR A 256 -3.43 8.98 -16.94
C THR A 256 -4.02 7.97 -17.92
N ALA A 257 -4.67 6.96 -17.36
CA ALA A 257 -5.22 5.88 -18.17
C ALA A 257 -6.01 4.95 -17.27
N GLY A 258 -7.08 4.41 -17.80
CA GLY A 258 -7.77 3.29 -17.19
C GLY A 258 -7.31 1.99 -17.82
N SER A 259 -7.22 0.95 -16.99
CA SER A 259 -6.82 -0.38 -17.41
C SER A 259 -7.79 -1.39 -16.86
N LEU A 260 -8.26 -2.29 -17.72
CA LEU A 260 -9.06 -3.44 -17.33
C LEU A 260 -8.26 -4.68 -17.69
N ARG A 261 -7.87 -5.46 -16.69
CA ARG A 261 -7.00 -6.61 -16.88
C ARG A 261 -7.74 -7.89 -16.56
N ILE A 262 -7.90 -8.74 -17.57
CA ILE A 262 -8.63 -10.00 -17.48
C ILE A 262 -7.87 -11.03 -18.29
N GLY A 263 -7.66 -12.22 -17.73
CA GLY A 263 -7.00 -13.28 -18.45
C GLY A 263 -5.61 -12.93 -18.90
N GLY A 264 -4.91 -12.10 -18.13
CA GLY A 264 -3.56 -11.69 -18.42
C GLY A 264 -3.42 -10.56 -19.43
N GLN A 265 -4.51 -10.02 -19.95
CA GLN A 265 -4.46 -9.00 -20.99
C GLN A 265 -5.13 -7.74 -20.48
N THR A 266 -4.60 -6.59 -20.88
CA THR A 266 -5.09 -5.31 -20.42
C THR A 266 -5.72 -4.54 -21.57
N LYS A 267 -6.93 -4.01 -21.33
N LYS A 267 -6.94 -4.07 -21.37
CA LYS A 267 -7.68 -3.13 -22.22
CA LYS A 267 -7.56 -3.13 -22.27
C LYS A 267 -7.77 -1.73 -21.62
C LYS A 267 -7.55 -1.75 -21.61
N HIS A 268 -7.51 -0.71 -22.44
CA HIS A 268 -7.46 0.66 -21.97
C HIS A 268 -8.82 1.34 -22.05
N PHE A 269 -9.07 2.25 -21.13
CA PHE A 269 -10.24 3.11 -21.18
C PHE A 269 -9.85 4.48 -20.64
N LEU A 270 -10.71 5.47 -20.88
CA LEU A 270 -10.40 6.84 -20.50
C LEU A 270 -10.73 7.12 -19.04
N VAL A 271 -9.86 7.88 -18.39
CA VAL A 271 -10.19 8.41 -17.08
C VAL A 271 -11.13 9.59 -17.19
N HIS A 272 -10.86 10.49 -18.14
CA HIS A 272 -11.63 11.71 -18.29
C HIS A 272 -12.46 11.64 -19.59
N GLU A 273 -12.89 12.79 -20.12
CA GLU A 273 -13.94 12.76 -21.14
C GLU A 273 -13.42 12.34 -22.49
N THR A 274 -12.16 12.66 -22.80
CA THR A 274 -11.60 12.44 -24.11
C THR A 274 -10.15 12.07 -23.96
N GLN A 275 -9.58 11.49 -25.03
CA GLN A 275 -8.15 11.20 -25.01
C GLN A 275 -7.33 12.46 -24.83
N GLU A 276 -7.79 13.60 -25.37
CA GLU A 276 -7.11 14.88 -25.16
C GLU A 276 -6.99 15.19 -23.67
N GLU A 277 -8.08 15.02 -22.93
CA GLU A 277 -8.06 15.35 -21.51
C GLU A 277 -7.09 14.43 -20.76
N ASP A 278 -7.11 13.13 -21.05
CA ASP A 278 -6.16 12.21 -20.38
C ASP A 278 -4.73 12.54 -20.79
N ASP A 279 -4.51 12.78 -22.10
CA ASP A 279 -3.16 13.06 -22.58
C ASP A 279 -2.59 14.29 -21.90
N ASP A 280 -3.39 15.33 -21.79
CA ASP A 280 -2.90 16.58 -21.24
C ASP A 280 -2.69 16.46 -19.73
N ARG A 281 -3.53 15.69 -19.05
CA ARG A 281 -3.28 15.48 -17.62
C ARG A 281 -1.96 14.75 -17.42
N ARG A 282 -1.73 13.71 -18.22
CA ARG A 282 -0.47 12.96 -18.10
C ARG A 282 0.72 13.86 -18.40
N LYS A 283 0.65 14.63 -19.48
CA LYS A 283 1.77 15.51 -19.83
C LYS A 283 2.05 16.52 -18.73
N GLY A 284 1.02 17.05 -18.08
CA GLY A 284 1.24 18.00 -17.02
C GLY A 284 1.85 17.38 -15.78
N ASN A 285 1.62 16.09 -15.56
CA ASN A 285 2.20 15.45 -14.39
C ASN A 285 3.70 15.25 -14.55
N MET A 286 4.18 15.05 -15.79
CA MET A 286 5.61 14.97 -16.03
C MET A 286 6.30 16.27 -15.63
N THR A 287 5.65 17.40 -15.86
CA THR A 287 6.22 18.70 -15.51
C THR A 287 6.19 18.92 -14.00
N LYS A 302 -5.09 28.38 -14.81
N LYS A 302 -5.24 28.46 -14.55
CA LYS A 302 -4.40 27.32 -14.09
CA LYS A 302 -4.46 27.37 -13.99
C LYS A 302 -5.25 26.04 -14.03
C LYS A 302 -5.34 26.15 -13.73
N THR A 303 -6.55 26.14 -14.28
CA THR A 303 -7.41 24.95 -14.21
C THR A 303 -7.16 24.07 -15.42
N PRO A 304 -6.71 22.83 -15.24
CA PRO A 304 -6.47 21.96 -16.39
C PRO A 304 -7.77 21.52 -17.02
N LEU A 305 -7.68 21.12 -18.30
CA LEU A 305 -8.85 20.79 -19.08
C LEU A 305 -9.72 19.74 -18.39
N TRP A 306 -9.10 18.67 -17.88
CA TRP A 306 -9.89 17.60 -17.27
C TRP A 306 -10.73 18.12 -16.12
N LEU A 307 -10.18 19.04 -15.33
CA LEU A 307 -10.91 19.53 -14.18
C LEU A 307 -11.96 20.57 -14.60
N ALA A 308 -11.64 21.41 -15.59
CA ALA A 308 -12.62 22.36 -16.10
C ALA A 308 -13.86 21.62 -16.60
N SER A 309 -13.66 20.53 -17.34
CA SER A 309 -14.81 19.77 -17.82
C SER A 309 -15.62 19.21 -16.67
N LEU A 310 -14.95 18.78 -15.60
CA LEU A 310 -15.67 18.23 -14.46
C LEU A 310 -16.45 19.30 -13.72
N ILE A 311 -15.88 20.50 -13.58
CA ILE A 311 -16.62 21.58 -12.93
C ILE A 311 -17.85 21.93 -13.74
N ARG A 312 -17.69 22.02 -15.07
CA ARG A 312 -18.84 22.26 -15.94
C ARG A 312 -19.91 21.20 -15.72
N LYS A 313 -19.50 19.93 -15.67
CA LYS A 313 -20.42 18.81 -15.52
C LYS A 313 -21.10 18.82 -14.16
N GLU A 314 -20.33 19.05 -13.10
CA GLU A 314 -20.90 19.00 -11.76
C GLU A 314 -21.85 20.16 -11.51
N THR A 315 -21.50 21.36 -11.98
CA THR A 315 -22.41 22.50 -11.84
C THR A 315 -23.67 22.30 -12.67
N LEU A 316 -23.52 21.68 -13.86
CA LEU A 316 -24.70 21.39 -14.67
C LEU A 316 -25.61 20.40 -13.97
N PHE A 317 -25.03 19.40 -13.31
CA PHE A 317 -25.83 18.44 -12.56
C PHE A 317 -26.61 19.13 -11.45
N LEU A 318 -25.93 19.96 -10.65
CA LEU A 318 -26.60 20.70 -9.58
C LEU A 318 -27.75 21.52 -10.15
N HIS A 319 -27.47 22.29 -11.19
CA HIS A 319 -28.47 23.17 -11.77
C HIS A 319 -29.66 22.37 -12.28
N ASN A 320 -29.40 21.27 -12.99
CA ASN A 320 -30.48 20.44 -13.48
C ASN A 320 -31.32 19.85 -12.35
N ILE A 321 -30.67 19.42 -11.27
CA ILE A 321 -31.41 18.91 -10.11
C ILE A 321 -32.34 19.98 -9.57
N LEU A 322 -31.82 21.20 -9.36
CA LEU A 322 -32.63 22.28 -8.81
C LEU A 322 -33.75 22.69 -9.76
N CYS A 323 -33.60 22.40 -11.04
CA CYS A 323 -34.64 22.70 -12.02
C CYS A 323 -35.63 21.54 -12.18
N GLY A 324 -35.45 20.45 -11.42
CA GLY A 324 -36.42 19.38 -11.36
C GLY A 324 -35.99 18.05 -11.98
N ALA A 325 -34.74 17.91 -12.42
CA ALA A 325 -34.34 16.67 -13.05
C ALA A 325 -34.23 15.53 -12.04
N LYS A 326 -34.41 14.31 -12.52
CA LYS A 326 -34.20 13.13 -11.70
C LYS A 326 -32.72 12.77 -11.71
N PRO A 327 -32.10 12.56 -10.56
CA PRO A 327 -30.67 12.23 -10.56
C PRO A 327 -30.40 10.81 -11.05
N GLU A 328 -29.33 10.68 -11.83
CA GLU A 328 -28.80 9.37 -12.15
C GLU A 328 -28.51 8.59 -10.88
N GLU A 329 -28.79 7.28 -10.91
CA GLU A 329 -28.58 6.45 -9.73
C GLU A 329 -27.17 6.59 -9.17
N ASP A 330 -26.18 6.80 -10.04
CA ASP A 330 -24.80 6.91 -9.61
C ASP A 330 -24.62 8.02 -8.57
N TYR A 331 -25.46 9.05 -8.62
CA TYR A 331 -25.22 10.30 -7.90
C TYR A 331 -26.23 10.55 -6.78
N ILE A 332 -27.17 9.64 -6.55
CA ILE A 332 -28.17 9.87 -5.52
C ILE A 332 -27.52 10.07 -4.16
N ASP A 333 -26.42 9.37 -3.88
CA ASP A 333 -25.81 9.50 -2.56
C ASP A 333 -25.13 10.84 -2.36
N LEU A 334 -24.98 11.65 -3.41
CA LEU A 334 -24.54 13.02 -3.23
C LEU A 334 -25.63 13.96 -2.78
N LEU A 335 -26.91 13.52 -2.81
CA LEU A 335 -28.07 14.33 -2.49
C LEU A 335 -28.82 13.86 -1.26
N ASN A 336 -28.63 12.61 -0.82
CA ASN A 336 -29.35 12.10 0.35
C ASN A 336 -28.48 12.09 1.60
N GLY A 337 -27.27 12.67 1.53
CA GLY A 337 -26.42 12.78 2.69
C GLY A 337 -25.49 11.61 2.90
N GLU A 338 -25.71 10.50 2.19
CA GLU A 338 -24.99 9.27 2.52
C GLU A 338 -23.52 9.34 2.14
N ALA A 339 -23.20 9.88 0.96
CA ALA A 339 -21.79 9.96 0.59
C ALA A 339 -21.01 10.85 1.56
N ALA A 340 -21.60 11.99 1.92
CA ALA A 340 -20.93 12.91 2.82
C ALA A 340 -20.74 12.30 4.20
N MET A 341 -21.83 11.77 4.77
CA MET A 341 -21.74 11.21 6.11
C MET A 341 -20.81 10.00 6.16
N SER A 342 -20.85 9.13 5.14
CA SER A 342 -20.03 7.93 5.19
CA SER A 342 -20.02 7.92 5.16
C SER A 342 -18.56 8.26 5.01
N ALA A 343 -18.24 9.24 4.15
CA ALA A 343 -16.84 9.62 3.97
C ALA A 343 -16.30 10.22 5.26
N ILE A 344 -17.04 11.13 5.87
CA ILE A 344 -16.56 11.79 7.07
C ILE A 344 -16.51 10.82 8.26
N ALA A 345 -17.49 9.92 8.37
CA ALA A 345 -17.43 8.95 9.46
C ALA A 345 -16.12 8.13 9.41
N THR A 346 -15.78 7.61 8.24
CA THR A 346 -14.55 6.83 8.14
C THR A 346 -13.33 7.69 8.39
N ALA A 347 -13.33 8.93 7.90
CA ALA A 347 -12.21 9.84 8.16
C ALA A 347 -12.07 10.09 9.65
N ASP A 348 -13.18 10.29 10.36
CA ASP A 348 -13.10 10.50 11.80
C ASP A 348 -12.57 9.26 12.50
N ALA A 349 -12.99 8.08 12.05
CA ALA A 349 -12.46 6.86 12.65
C ALA A 349 -10.96 6.73 12.43
N ALA A 350 -10.50 7.05 11.23
CA ALA A 350 -9.08 7.01 10.91
C ALA A 350 -8.29 8.02 11.74
N THR A 351 -8.86 9.22 11.94
CA THR A 351 -8.21 10.23 12.75
C THR A 351 -8.06 9.76 14.19
N LEU A 352 -9.11 9.15 14.73
CA LEU A 352 -9.02 8.57 16.06
C LEU A 352 -7.99 7.45 16.13
N SER A 353 -7.92 6.61 15.09
CA SER A 353 -6.93 5.53 15.06
C SER A 353 -5.52 6.08 15.11
N ARG A 354 -5.27 7.14 14.35
CA ARG A 354 -3.95 7.75 14.31
C ARG A 354 -3.62 8.42 15.65
N SER A 355 -4.59 9.09 16.25
CA SER A 355 -4.36 9.82 17.49
C SER A 355 -4.15 8.87 18.65
N GLN A 356 -4.86 7.74 18.67
CA GLN A 356 -4.88 6.84 19.82
C GLN A 356 -4.11 5.55 19.59
N ASP A 357 -3.41 5.42 18.47
CA ASP A 357 -2.51 4.27 18.26
C ASP A 357 -3.27 2.96 18.39
N ARG A 358 -4.39 2.83 17.69
CA ARG A 358 -5.19 1.62 17.81
C ARG A 358 -6.09 1.49 16.58
N LYS A 359 -6.53 0.27 16.33
CA LYS A 359 -7.58 0.06 15.34
C LYS A 359 -8.91 0.55 15.90
N VAL A 360 -9.75 1.13 15.05
CA VAL A 360 -10.99 1.77 15.47
C VAL A 360 -12.18 1.10 14.77
N LYS A 361 -13.21 0.76 15.52
CA LYS A 361 -14.47 0.28 14.96
C LYS A 361 -15.33 1.45 14.52
N ILE A 362 -15.90 1.37 13.31
CA ILE A 362 -16.75 2.45 12.83
C ILE A 362 -17.88 2.75 13.80
N SER A 363 -18.35 1.74 14.53
CA SER A 363 -19.41 1.95 15.50
C SER A 363 -19.07 3.03 16.50
N GLU A 364 -17.79 3.17 16.85
CA GLU A 364 -17.41 4.21 17.82
C GLU A 364 -17.80 5.59 17.34
N ILE A 365 -17.75 5.80 16.03
CA ILE A 365 -18.10 7.07 15.42
C ILE A 365 -19.59 7.16 15.18
N ILE A 366 -20.16 6.19 14.46
CA ILE A 366 -21.51 6.38 13.95
C ILE A 366 -22.57 6.17 15.02
N LYS A 367 -22.30 5.41 16.07
CA LYS A 367 -23.29 5.27 17.13
C LYS A 367 -23.33 6.46 18.08
N HIS A 368 -22.40 7.39 17.98
CA HIS A 368 -22.31 8.47 18.95
C HIS A 368 -23.41 9.51 18.83
N THR A 369 -24.35 9.38 17.90
CA THR A 369 -25.54 10.22 17.96
C THR A 369 -26.57 9.56 18.90
N MET B 1 37.74 -30.22 1.74
CA MET B 1 37.89 -29.27 2.87
C MET B 1 36.59 -29.09 3.68
N ILE B 2 35.46 -28.71 3.05
CA ILE B 2 34.18 -28.65 3.74
C ILE B 2 33.25 -29.68 3.13
N ASN B 3 32.81 -30.63 3.96
CA ASN B 3 31.81 -31.61 3.58
C ASN B 3 30.44 -31.20 4.10
N TYR B 4 29.42 -31.34 3.26
CA TYR B 4 28.08 -30.89 3.59
C TYR B 4 27.10 -32.06 3.54
N GLY B 5 26.16 -32.07 4.48
CA GLY B 5 25.05 -32.98 4.46
C GLY B 5 23.80 -32.15 4.32
N VAL B 6 22.88 -32.53 3.45
CA VAL B 6 21.70 -31.74 3.16
C VAL B 6 20.47 -32.46 3.68
N VAL B 7 19.74 -31.80 4.57
CA VAL B 7 18.47 -32.32 5.12
C VAL B 7 17.34 -31.64 4.37
N GLY B 8 16.64 -32.41 3.54
CA GLY B 8 15.65 -31.88 2.64
C GLY B 8 16.26 -31.57 1.29
N VAL B 9 16.06 -32.47 0.32
CA VAL B 9 16.54 -32.27 -1.04
C VAL B 9 15.36 -32.36 -2.00
N GLY B 10 14.35 -31.55 -1.74
CA GLY B 10 13.31 -31.28 -2.71
C GLY B 10 13.78 -30.27 -3.73
N TYR B 11 12.86 -29.43 -4.19
CA TYR B 11 13.22 -28.47 -5.22
C TYR B 11 14.45 -27.66 -4.80
N PHE B 12 14.38 -26.99 -3.65
CA PHE B 12 15.43 -26.03 -3.34
C PHE B 12 16.65 -26.68 -2.70
N GLY B 13 16.45 -27.69 -1.87
CA GLY B 13 17.59 -28.36 -1.27
C GLY B 13 18.44 -29.07 -2.30
N ALA B 14 17.83 -29.65 -3.32
CA ALA B 14 18.61 -30.29 -4.38
C ALA B 14 19.42 -29.25 -5.14
N GLU B 15 18.84 -28.06 -5.39
CA GLU B 15 19.59 -27.01 -6.05
C GLU B 15 20.74 -26.51 -5.18
N LEU B 16 20.49 -26.30 -3.89
CA LEU B 16 21.58 -25.92 -3.00
C LEU B 16 22.72 -26.93 -3.10
N ALA B 17 22.37 -28.22 -3.16
CA ALA B 17 23.39 -29.26 -3.22
C ALA B 17 24.16 -29.21 -4.53
N ARG B 18 23.43 -29.07 -5.65
CA ARG B 18 24.08 -29.02 -6.96
C ARG B 18 25.03 -27.84 -7.05
N PHE B 19 24.57 -26.67 -6.60
CA PHE B 19 25.42 -25.49 -6.71
C PHE B 19 26.58 -25.53 -5.75
N MET B 20 26.37 -26.04 -4.53
CA MET B 20 27.49 -26.13 -3.60
C MET B 20 28.59 -27.02 -4.15
N ASN B 21 28.21 -28.14 -4.79
CA ASN B 21 29.19 -29.06 -5.34
C ASN B 21 30.05 -28.42 -6.42
N MET B 22 29.64 -27.30 -7.01
CA MET B 22 30.44 -26.65 -8.03
C MET B 22 31.62 -25.89 -7.47
N HIS B 23 31.64 -25.63 -6.17
CA HIS B 23 32.71 -24.84 -5.57
C HIS B 23 33.91 -25.70 -5.22
N ASP B 24 35.09 -25.15 -5.46
CA ASP B 24 36.32 -25.86 -5.14
C ASP B 24 36.36 -26.19 -3.65
N ASN B 25 36.69 -27.45 -3.34
CA ASN B 25 36.87 -27.93 -1.98
C ASN B 25 35.56 -28.05 -1.21
N ALA B 26 34.43 -27.98 -1.90
CA ALA B 26 33.12 -28.24 -1.31
C ALA B 26 32.58 -29.56 -1.83
N LYS B 27 32.01 -30.37 -0.94
CA LYS B 27 31.47 -31.66 -1.36
C LYS B 27 30.22 -31.99 -0.54
N ILE B 28 29.14 -32.32 -1.26
CA ILE B 28 27.96 -32.91 -0.65
C ILE B 28 28.26 -34.39 -0.44
N THR B 29 28.39 -34.82 0.82
CA THR B 29 28.69 -36.21 1.12
C THR B 29 27.46 -37.05 1.43
N CYS B 30 26.34 -36.44 1.80
CA CYS B 30 25.15 -37.20 2.13
C CYS B 30 23.93 -36.29 2.17
N VAL B 31 22.77 -36.94 2.12
CA VAL B 31 21.47 -36.28 2.19
C VAL B 31 20.58 -37.08 3.13
N TYR B 32 19.57 -36.40 3.65
CA TYR B 32 18.49 -37.06 4.37
C TYR B 32 17.17 -36.51 3.88
N ASP B 33 16.32 -37.38 3.35
CA ASP B 33 15.05 -37.00 2.75
C ASP B 33 14.31 -38.27 2.41
N PRO B 34 13.32 -38.66 3.21
CA PRO B 34 12.65 -39.94 2.95
C PRO B 34 12.11 -40.07 1.54
N GLU B 35 11.48 -39.03 1.01
CA GLU B 35 10.79 -39.13 -0.26
C GLU B 35 11.73 -38.99 -1.45
N ASN B 36 12.68 -38.06 -1.39
CA ASN B 36 13.50 -37.73 -2.55
C ASN B 36 14.98 -38.02 -2.37
N GLY B 37 15.39 -38.52 -1.22
CA GLY B 37 16.82 -38.74 -1.00
C GLY B 37 17.43 -39.80 -1.88
N GLU B 38 16.68 -40.86 -2.21
CA GLU B 38 17.24 -41.92 -3.04
C GLU B 38 17.62 -41.37 -4.40
N ASN B 39 16.70 -40.63 -5.03
CA ASN B 39 16.96 -40.11 -6.36
C ASN B 39 18.10 -39.10 -6.33
N ILE B 40 18.10 -38.20 -5.36
CA ILE B 40 19.11 -37.16 -5.34
C ILE B 40 20.47 -37.71 -4.97
N ALA B 41 20.52 -38.67 -4.04
CA ALA B 41 21.80 -39.28 -3.69
C ALA B 41 22.43 -39.98 -4.88
N ARG B 42 21.61 -40.61 -5.73
CA ARG B 42 22.15 -41.23 -6.94
C ARG B 42 22.66 -40.17 -7.91
N GLU B 43 21.90 -39.08 -8.09
CA GLU B 43 22.36 -38.01 -8.96
C GLU B 43 23.69 -37.42 -8.48
N LEU B 44 23.83 -37.22 -7.18
CA LEU B 44 24.99 -36.55 -6.62
C LEU B 44 26.12 -37.50 -6.27
N GLN B 45 25.91 -38.80 -6.43
CA GLN B 45 26.91 -39.80 -6.05
C GLN B 45 27.33 -39.63 -4.59
N CYS B 46 26.33 -39.60 -3.71
CA CYS B 46 26.59 -39.47 -2.28
C CYS B 46 25.67 -40.45 -1.55
N ILE B 47 25.76 -40.43 -0.23
CA ILE B 47 25.02 -41.39 0.60
C ILE B 47 23.65 -40.82 0.92
N ASN B 48 22.64 -41.67 0.78
CA ASN B 48 21.30 -41.36 1.28
C ASN B 48 21.21 -41.94 2.69
N MET B 49 21.24 -41.06 3.69
CA MET B 49 21.22 -41.48 5.07
C MET B 49 19.84 -41.96 5.47
N SER B 50 19.81 -42.91 6.41
CA SER B 50 18.56 -43.56 6.78
C SER B 50 17.81 -42.83 7.89
N SER B 51 18.41 -41.82 8.51
CA SER B 51 17.72 -41.04 9.52
C SER B 51 18.40 -39.69 9.63
N LEU B 52 17.68 -38.72 10.21
CA LEU B 52 18.31 -37.43 10.51
C LEU B 52 19.52 -37.62 11.42
N ASP B 53 19.39 -38.47 12.44
CA ASP B 53 20.48 -38.65 13.39
C ASP B 53 21.73 -39.17 12.70
N ALA B 54 21.57 -40.10 11.75
CA ALA B 54 22.72 -40.64 11.04
C ALA B 54 23.45 -39.55 10.27
N LEU B 55 22.72 -38.57 9.72
CA LEU B 55 23.38 -37.51 8.98
C LEU B 55 24.09 -36.55 9.92
N VAL B 56 23.39 -36.04 10.94
CA VAL B 56 23.97 -34.99 11.77
C VAL B 56 25.12 -35.50 12.62
N SER B 57 25.19 -36.81 12.87
CA SER B 57 26.29 -37.38 13.65
C SER B 57 27.39 -37.97 12.77
N SER B 58 27.25 -37.89 11.45
CA SER B 58 28.22 -38.49 10.55
C SER B 58 29.55 -37.76 10.62
N LYS B 59 30.64 -38.53 10.69
CA LYS B 59 31.95 -37.93 10.55
C LYS B 59 32.16 -37.38 9.15
N LEU B 60 31.31 -37.75 8.18
CA LEU B 60 31.38 -37.25 6.81
C LEU B 60 30.83 -35.84 6.65
N VAL B 61 30.33 -35.22 7.71
CA VAL B 61 29.62 -33.95 7.63
C VAL B 61 30.34 -32.93 8.48
N ASP B 62 30.62 -31.77 7.88
CA ASP B 62 31.12 -30.62 8.62
C ASP B 62 30.05 -29.55 8.79
N CYS B 63 29.16 -29.43 7.81
CA CYS B 63 28.08 -28.44 7.82
C CYS B 63 26.80 -29.11 7.35
N VAL B 64 25.69 -28.80 8.03
CA VAL B 64 24.38 -29.31 7.67
C VAL B 64 23.59 -28.18 7.02
N ILE B 65 23.06 -28.44 5.82
CA ILE B 65 22.22 -27.53 5.08
C ILE B 65 20.79 -27.99 5.27
N VAL B 66 19.93 -27.12 5.80
CA VAL B 66 18.54 -27.45 6.13
C VAL B 66 17.61 -26.79 5.11
N ALA B 67 16.91 -27.62 4.35
CA ALA B 67 16.00 -27.18 3.31
C ALA B 67 14.73 -28.03 3.32
N THR B 68 14.29 -28.39 4.52
CA THR B 68 12.99 -29.04 4.71
C THR B 68 11.87 -28.00 4.63
N PRO B 69 10.61 -28.45 4.61
CA PRO B 69 9.48 -27.50 4.68
C PRO B 69 9.59 -26.59 5.89
N ASN B 70 8.92 -25.44 5.82
CA ASN B 70 9.18 -24.34 6.75
C ASN B 70 8.95 -24.73 8.20
N TYR B 71 8.00 -25.61 8.47
CA TYR B 71 7.68 -26.04 9.82
C TYR B 71 8.61 -27.12 10.35
N LEU B 72 9.59 -27.56 9.56
CA LEU B 72 10.43 -28.70 9.89
C LEU B 72 11.91 -28.32 9.95
N HIS B 73 12.19 -27.07 10.26
CA HIS B 73 13.58 -26.60 10.29
C HIS B 73 14.25 -26.79 11.65
N LYS B 74 13.49 -26.86 12.74
CA LYS B 74 14.10 -26.73 14.06
C LYS B 74 14.96 -27.95 14.42
N GLU B 75 14.39 -29.15 14.33
CA GLU B 75 15.12 -30.34 14.79
C GLU B 75 16.43 -30.54 14.04
N PRO B 76 16.50 -30.41 12.72
CA PRO B 76 17.80 -30.54 12.05
C PRO B 76 18.83 -29.55 12.55
N VAL B 77 18.44 -28.31 12.84
CA VAL B 77 19.40 -27.32 13.33
C VAL B 77 19.83 -27.64 14.74
N ILE B 78 18.88 -27.94 15.62
CA ILE B 78 19.21 -28.26 17.01
C ILE B 78 20.13 -29.48 17.06
N LYS B 79 19.82 -30.52 16.30
CA LYS B 79 20.63 -31.73 16.32
C LYS B 79 21.99 -31.52 15.66
N ALA B 80 22.06 -30.71 14.60
CA ALA B 80 23.36 -30.37 14.03
C ALA B 80 24.25 -29.69 15.05
N ALA B 81 23.70 -28.71 15.78
CA ALA B 81 24.47 -28.01 16.80
C ALA B 81 24.96 -28.98 17.88
N LYS B 82 24.09 -29.88 18.34
CA LYS B 82 24.47 -30.86 19.35
C LYS B 82 25.67 -31.67 18.90
N ASN B 83 25.75 -31.97 17.60
CA ASN B 83 26.85 -32.72 17.02
C ASN B 83 27.98 -31.84 16.53
N LYS B 84 27.98 -30.57 16.91
CA LYS B 84 29.07 -29.65 16.59
C LYS B 84 29.25 -29.50 15.09
N LYS B 85 28.14 -29.48 14.35
CA LYS B 85 28.17 -29.20 12.92
C LYS B 85 27.74 -27.76 12.66
N HIS B 86 28.39 -27.12 11.70
CA HIS B 86 27.92 -25.82 11.24
C HIS B 86 26.58 -25.99 10.54
N VAL B 87 25.82 -24.90 10.41
CA VAL B 87 24.44 -24.95 9.94
C VAL B 87 24.19 -23.83 8.94
N PHE B 88 23.56 -24.16 7.83
CA PHE B 88 22.86 -23.19 6.98
C PHE B 88 21.39 -23.59 7.02
N CYS B 89 20.50 -22.63 7.24
CA CYS B 89 19.08 -22.92 7.31
C CYS B 89 18.33 -22.03 6.35
N GLU B 90 17.48 -22.62 5.53
CA GLU B 90 16.66 -21.86 4.61
C GLU B 90 15.68 -20.96 5.36
N LYS B 91 15.22 -19.94 4.65
CA LYS B 91 14.14 -19.09 5.13
C LYS B 91 12.81 -19.80 4.98
N PRO B 92 11.81 -19.41 5.77
CA PRO B 92 11.91 -18.65 7.02
C PRO B 92 12.64 -19.58 8.01
N ILE B 93 13.49 -19.03 8.87
CA ILE B 93 14.27 -19.89 9.75
C ILE B 93 13.36 -20.79 10.56
N ALA B 94 12.30 -20.23 11.12
CA ALA B 94 11.29 -21.01 11.84
C ALA B 94 9.97 -20.27 11.73
N LEU B 95 8.93 -20.87 12.31
CA LEU B 95 7.59 -20.31 12.26
C LEU B 95 7.20 -19.68 13.59
N SER B 96 8.14 -19.57 14.52
CA SER B 96 7.91 -18.83 15.75
C SER B 96 9.23 -18.25 16.20
N TYR B 97 9.14 -17.14 16.93
CA TYR B 97 10.33 -16.50 17.48
C TYR B 97 11.03 -17.39 18.48
N GLU B 98 10.25 -18.05 19.35
CA GLU B 98 10.84 -18.97 20.30
C GLU B 98 11.69 -20.03 19.59
N ASP B 99 11.17 -20.60 18.51
CA ASP B 99 11.94 -21.61 17.79
C ASP B 99 13.21 -21.01 17.20
N CYS B 100 13.09 -19.83 16.60
CA CYS B 100 14.25 -19.18 16.00
C CYS B 100 15.32 -18.87 17.05
N VAL B 101 14.90 -18.26 18.17
CA VAL B 101 15.86 -18.00 19.25
C VAL B 101 16.51 -19.29 19.75
N ASP B 102 15.74 -20.36 19.94
CA ASP B 102 16.32 -21.63 20.37
C ASP B 102 17.37 -22.12 19.38
N MET B 103 17.11 -21.97 18.08
CA MET B 103 18.06 -22.41 17.07
C MET B 103 19.34 -21.58 17.11
N VAL B 104 19.21 -20.25 17.18
CA VAL B 104 20.38 -19.38 17.24
C VAL B 104 21.19 -19.69 18.50
N LYS B 105 20.50 -19.82 19.63
CA LYS B 105 21.19 -20.11 20.90
C LYS B 105 21.92 -21.44 20.83
N ALA B 106 21.29 -22.47 20.27
CA ALA B 106 21.93 -23.79 20.23
C ALA B 106 23.23 -23.74 19.46
N CYS B 107 23.25 -23.04 18.33
CA CYS B 107 24.47 -22.93 17.53
C CYS B 107 25.52 -22.08 18.25
N LYS B 108 25.09 -21.00 18.88
CA LYS B 108 26.00 -20.17 19.67
C LYS B 108 26.66 -20.99 20.77
N GLU B 109 25.86 -21.72 21.52
CA GLU B 109 26.40 -22.48 22.65
C GLU B 109 27.32 -23.60 22.18
N ALA B 110 27.01 -24.22 21.04
CA ALA B 110 27.86 -25.25 20.46
C ALA B 110 29.12 -24.68 19.81
N GLY B 111 29.17 -23.37 19.60
CA GLY B 111 30.32 -22.75 18.96
C GLY B 111 30.43 -23.00 17.48
N VAL B 112 29.31 -23.14 16.79
CA VAL B 112 29.32 -23.41 15.37
C VAL B 112 28.73 -22.22 14.63
N THR B 113 29.06 -22.12 13.34
CA THR B 113 28.50 -21.08 12.50
C THR B 113 27.08 -21.44 12.13
N PHE B 114 26.21 -20.44 12.13
CA PHE B 114 24.80 -20.59 11.75
C PHE B 114 24.50 -19.47 10.76
N MET B 115 24.25 -19.82 9.51
CA MET B 115 23.85 -18.85 8.49
C MET B 115 22.37 -18.97 8.19
N ALA B 116 21.68 -17.83 8.20
CA ALA B 116 20.29 -17.73 7.77
C ALA B 116 20.25 -17.45 6.27
N GLY B 117 19.55 -18.30 5.51
CA GLY B 117 19.56 -18.20 4.06
C GLY B 117 18.60 -17.17 3.50
N HIS B 118 18.77 -15.91 3.92
CA HIS B 118 17.95 -14.81 3.42
C HIS B 118 18.56 -14.32 2.11
N ILE B 119 18.21 -15.02 1.03
CA ILE B 119 18.90 -14.86 -0.25
C ILE B 119 18.69 -13.49 -0.88
N MET B 120 17.60 -12.78 -0.55
CA MET B 120 17.36 -11.52 -1.21
C MET B 120 18.42 -10.49 -0.86
N ASN B 121 19.11 -10.66 0.28
CA ASN B 121 20.18 -9.74 0.61
C ASN B 121 21.29 -9.77 -0.42
N PHE B 122 21.41 -10.88 -1.17
CA PHE B 122 22.41 -11.02 -2.20
C PHE B 122 21.99 -10.49 -3.56
N PHE B 123 20.73 -10.05 -3.74
CA PHE B 123 20.37 -9.41 -5.01
C PHE B 123 21.30 -8.23 -5.25
N ASN B 124 21.81 -8.13 -6.49
CA ASN B 124 22.66 -7.00 -6.82
CA ASN B 124 22.65 -7.00 -6.89
C ASN B 124 21.95 -5.68 -6.57
N GLY B 125 20.68 -5.57 -6.92
CA GLY B 125 19.96 -4.33 -6.72
C GLY B 125 19.73 -3.96 -5.26
N VAL B 126 19.59 -4.97 -4.39
CA VAL B 126 19.44 -4.72 -2.96
C VAL B 126 20.75 -4.23 -2.39
N GLN B 127 21.85 -4.90 -2.73
CA GLN B 127 23.17 -4.44 -2.27
C GLN B 127 23.43 -3.01 -2.74
N TYR B 128 23.14 -2.74 -4.01
CA TYR B 128 23.40 -1.42 -4.56
C TYR B 128 22.51 -0.37 -3.90
N ALA B 129 21.21 -0.65 -3.79
CA ALA B 129 20.32 0.28 -3.09
C ALA B 129 20.81 0.57 -1.68
N ARG B 130 21.25 -0.45 -0.96
CA ARG B 130 21.75 -0.22 0.38
C ARG B 130 22.93 0.74 0.37
N LYS B 131 23.83 0.60 -0.59
CA LYS B 131 24.97 1.51 -0.66
C LYS B 131 24.52 2.92 -1.01
N LEU B 132 23.56 3.07 -1.92
CA LEU B 132 23.07 4.40 -2.24
C LEU B 132 22.43 5.05 -1.02
N ILE B 133 21.62 4.29 -0.29
CA ILE B 133 20.97 4.79 0.92
C ILE B 133 22.00 5.23 1.93
N LYS B 134 23.01 4.38 2.15
CA LYS B 134 24.04 4.68 3.14
C LYS B 134 24.84 5.91 2.74
N GLU B 135 25.11 6.10 1.45
CA GLU B 135 25.95 7.23 1.07
C GLU B 135 25.18 8.54 1.11
N GLY B 136 23.85 8.50 1.07
CA GLY B 136 23.04 9.68 1.21
C GLY B 136 22.43 10.21 -0.07
N VAL B 137 22.51 9.47 -1.16
CA VAL B 137 22.02 9.94 -2.45
C VAL B 137 20.53 10.25 -2.42
N ILE B 138 19.73 9.54 -1.62
CA ILE B 138 18.31 9.86 -1.53
C ILE B 138 17.98 10.57 -0.22
N GLY B 139 18.99 11.07 0.49
CA GLY B 139 18.72 11.79 1.71
C GLY B 139 18.37 10.89 2.87
N GLU B 140 17.64 11.47 3.81
CA GLU B 140 17.14 10.76 4.98
C GLU B 140 16.02 9.84 4.52
N ILE B 141 16.00 8.62 5.03
CA ILE B 141 14.95 7.67 4.64
C ILE B 141 13.70 7.99 5.44
N LEU B 142 12.57 8.00 4.73
CA LEU B 142 11.28 8.29 5.32
C LEU B 142 10.39 7.07 5.39
N SER B 143 10.33 6.27 4.33
CA SER B 143 9.44 5.12 4.32
C SER B 143 9.92 4.08 3.33
N CYS B 144 9.41 2.86 3.51
N CYS B 144 9.36 2.88 3.46
CA CYS B 144 9.61 1.78 2.58
CA CYS B 144 9.69 1.75 2.60
C CYS B 144 8.27 1.12 2.31
C CYS B 144 8.42 0.93 2.39
N HIS B 145 8.19 0.47 1.15
CA HIS B 145 6.96 -0.18 0.75
C HIS B 145 7.26 -1.39 -0.08
N THR B 146 6.52 -2.47 0.16
CA THR B 146 6.68 -3.66 -0.65
C THR B 146 5.33 -4.16 -1.11
N LYS B 147 5.36 -4.86 -2.24
CA LYS B 147 4.26 -5.66 -2.71
C LYS B 147 4.82 -6.95 -3.27
N ARG B 148 4.09 -8.07 -3.08
CA ARG B 148 4.42 -9.34 -3.70
C ARG B 148 3.05 -9.98 -3.97
N ASN B 149 2.44 -9.52 -5.06
CA ASN B 149 1.00 -9.68 -5.30
C ASN B 149 0.79 -10.32 -6.67
N GLY B 150 0.11 -11.45 -6.68
CA GLY B 150 -0.19 -12.14 -7.92
C GLY B 150 -1.45 -12.95 -7.76
N TRP B 151 -1.76 -13.72 -8.80
CA TRP B 151 -2.94 -14.59 -8.81
C TRP B 151 -2.50 -16.04 -8.94
N GLU B 152 -2.94 -16.88 -8.01
CA GLU B 152 -2.65 -18.31 -8.05
C GLU B 152 -3.95 -19.05 -8.35
N ASN B 153 -3.94 -19.81 -9.44
CA ASN B 153 -5.06 -20.66 -9.77
C ASN B 153 -5.09 -21.88 -8.88
N LYS B 154 -6.25 -22.55 -8.85
CA LYS B 154 -6.35 -23.80 -8.11
C LYS B 154 -5.38 -24.82 -8.70
N GLN B 155 -4.71 -25.55 -7.83
CA GLN B 155 -3.71 -26.52 -8.23
C GLN B 155 -4.28 -27.94 -8.17
N GLU B 156 -3.64 -28.83 -8.92
CA GLU B 156 -4.10 -30.22 -8.98
C GLU B 156 -3.89 -30.91 -7.64
N ARG B 157 -2.75 -30.68 -7.01
CA ARG B 157 -2.44 -31.23 -5.70
C ARG B 157 -2.17 -30.07 -4.77
N LEU B 158 -2.67 -30.19 -3.55
CA LEU B 158 -2.48 -29.18 -2.52
C LEU B 158 -1.22 -29.53 -1.73
N SER B 159 -0.27 -28.60 -1.66
CA SER B 159 0.98 -28.88 -0.98
C SER B 159 1.09 -28.09 0.31
N TRP B 160 2.12 -28.46 1.08
CA TRP B 160 2.38 -27.85 2.37
C TRP B 160 2.50 -26.34 2.25
N LYS B 161 2.86 -25.82 1.07
CA LYS B 161 3.08 -24.38 0.96
C LYS B 161 1.80 -23.58 1.21
N LYS B 162 0.63 -24.19 1.04
CA LYS B 162 -0.63 -23.46 1.17
C LYS B 162 -1.28 -23.66 2.53
N MET B 163 -0.65 -24.42 3.43
CA MET B 163 -1.21 -24.70 4.75
C MET B 163 -0.51 -23.84 5.78
N LYS B 164 -1.27 -23.02 6.50
CA LYS B 164 -0.68 -22.02 7.38
C LYS B 164 0.22 -22.67 8.42
N GLU B 165 -0.17 -23.84 8.94
CA GLU B 165 0.59 -24.50 9.99
C GLU B 165 1.89 -25.11 9.47
N GLN B 166 2.03 -25.24 8.15
CA GLN B 166 3.22 -25.84 7.55
C GLN B 166 4.11 -24.81 6.87
N SER B 167 3.53 -23.82 6.20
CA SER B 167 4.35 -22.81 5.54
C SER B 167 4.42 -21.50 6.29
N GLY B 168 3.47 -21.23 7.18
CA GLY B 168 3.28 -19.92 7.77
C GLY B 168 2.57 -18.95 6.88
N GLY B 169 2.09 -19.36 5.73
CA GLY B 169 1.42 -18.44 4.85
C GLY B 169 2.41 -17.54 4.12
N HIS B 170 1.84 -16.55 3.45
CA HIS B 170 2.64 -15.67 2.60
C HIS B 170 3.70 -14.96 3.42
N LEU B 171 3.36 -14.58 4.66
CA LEU B 171 4.25 -13.75 5.44
C LEU B 171 5.56 -14.46 5.75
N TYR B 172 5.47 -15.72 6.20
CA TYR B 172 6.70 -16.45 6.53
C TYR B 172 7.32 -17.08 5.28
N HIS B 173 6.48 -17.65 4.42
CA HIS B 173 7.01 -18.29 3.23
C HIS B 173 7.67 -17.30 2.30
N HIS B 174 7.14 -16.08 2.23
CA HIS B 174 7.74 -15.03 1.41
C HIS B 174 8.25 -13.91 2.30
N ILE B 175 8.97 -14.29 3.35
CA ILE B 175 9.48 -13.33 4.32
C ILE B 175 10.58 -12.43 3.75
N HIS B 176 11.08 -12.74 2.56
CA HIS B 176 12.17 -11.97 1.97
C HIS B 176 11.89 -10.47 2.01
N GLU B 177 10.67 -10.07 1.62
CA GLU B 177 10.39 -8.64 1.50
C GLU B 177 10.40 -7.94 2.86
N LEU B 178 9.94 -8.63 3.90
CA LEU B 178 9.97 -8.06 5.24
C LEU B 178 11.40 -7.92 5.73
N ASP B 179 12.18 -8.99 5.58
CA ASP B 179 13.60 -8.92 5.95
C ASP B 179 14.29 -7.81 5.16
N CYS B 180 13.94 -7.63 3.88
CA CYS B 180 14.57 -6.60 3.07
C CYS B 180 14.31 -5.20 3.63
N VAL B 181 13.06 -4.91 4.02
CA VAL B 181 12.75 -3.60 4.60
C VAL B 181 13.60 -3.37 5.84
N GLN B 182 13.68 -4.37 6.72
CA GLN B 182 14.41 -4.20 7.96
C GLN B 182 15.91 -4.09 7.69
N HIS B 183 16.42 -4.79 6.69
CA HIS B 183 17.82 -4.69 6.26
C HIS B 183 18.14 -3.30 5.73
N LEU B 184 17.26 -2.74 4.89
CA LEU B 184 17.54 -1.45 4.28
C LEU B 184 17.44 -0.32 5.31
N LEU B 185 16.50 -0.40 6.25
CA LEU B 185 16.35 0.64 7.26
C LEU B 185 17.28 0.47 8.44
N GLY B 186 17.73 -0.76 8.72
CA GLY B 186 18.58 -1.00 9.87
C GLY B 186 17.91 -0.75 11.19
N GLU B 187 16.61 -1.05 11.28
CA GLU B 187 15.85 -0.85 12.50
C GLU B 187 14.82 -1.96 12.58
N ILE B 188 14.27 -2.15 13.78
CA ILE B 188 13.13 -3.04 13.91
C ILE B 188 11.93 -2.19 14.32
N PRO B 189 10.76 -2.56 13.86
CA PRO B 189 9.58 -1.73 14.09
C PRO B 189 9.09 -1.85 15.53
N GLU B 190 8.64 -0.73 16.09
CA GLU B 190 8.09 -0.77 17.44
C GLU B 190 6.63 -1.19 17.45
N THR B 191 5.88 -0.93 16.38
CA THR B 191 4.47 -1.28 16.31
C THR B 191 4.20 -1.93 14.96
N VAL B 192 3.48 -3.02 14.98
CA VAL B 192 3.21 -3.85 13.82
C VAL B 192 1.72 -4.09 13.73
N THR B 193 1.14 -3.84 12.54
CA THR B 193 -0.27 -4.11 12.32
C THR B 193 -0.40 -4.91 11.04
N MET B 194 -1.27 -5.91 11.03
CA MET B 194 -1.51 -6.64 9.80
C MET B 194 -2.97 -7.02 9.69
N ILE B 195 -3.54 -6.75 8.54
CA ILE B 195 -4.89 -7.14 8.18
C ILE B 195 -4.79 -8.15 7.06
N GLY B 196 -5.75 -9.04 6.98
CA GLY B 196 -5.72 -9.99 5.88
C GLY B 196 -7.02 -10.72 5.79
N GLY B 197 -7.07 -11.65 4.85
CA GLY B 197 -8.23 -12.50 4.69
C GLY B 197 -7.94 -13.56 3.66
N ASN B 198 -8.84 -14.54 3.61
CA ASN B 198 -8.81 -15.57 2.57
C ASN B 198 -10.02 -15.24 1.72
N LEU B 199 -9.77 -14.49 0.66
CA LEU B 199 -10.85 -13.93 -0.12
C LEU B 199 -11.28 -14.79 -1.28
N ALA B 200 -10.39 -15.62 -1.82
CA ALA B 200 -10.70 -16.40 -3.01
C ALA B 200 -10.07 -17.78 -3.00
N HIS B 201 -9.51 -18.23 -1.89
CA HIS B 201 -8.86 -19.54 -1.82
C HIS B 201 -9.35 -20.34 -0.62
N SER B 202 -10.67 -20.35 -0.44
CA SER B 202 -11.32 -21.02 0.69
C SER B 202 -12.22 -22.11 0.13
N GLY B 203 -12.13 -23.31 0.70
CA GLY B 203 -12.99 -24.40 0.31
C GLY B 203 -12.25 -25.62 -0.21
N PRO B 204 -13.00 -26.64 -0.62
CA PRO B 204 -12.38 -27.87 -1.10
C PRO B 204 -11.35 -27.63 -2.20
N GLY B 205 -10.16 -28.21 -2.04
CA GLY B 205 -9.10 -28.10 -3.00
C GLY B 205 -8.16 -26.94 -2.75
N PHE B 206 -8.43 -26.11 -1.76
CA PHE B 206 -7.61 -24.97 -1.42
C PHE B 206 -6.99 -25.17 -0.05
N GLY B 207 -5.90 -24.44 0.19
CA GLY B 207 -5.30 -24.38 1.51
C GLY B 207 -6.12 -23.52 2.47
N ASN B 208 -5.50 -23.21 3.61
CA ASN B 208 -6.18 -22.45 4.65
C ASN B 208 -5.49 -21.12 4.97
N GLU B 209 -4.53 -20.70 4.16
CA GLU B 209 -3.80 -19.48 4.41
C GLU B 209 -4.59 -18.27 3.89
N ASP B 210 -4.34 -17.12 4.49
CA ASP B 210 -4.84 -15.88 3.88
C ASP B 210 -4.25 -15.74 2.48
N ASP B 211 -5.02 -15.17 1.57
CA ASP B 211 -4.50 -14.88 0.23
C ASP B 211 -4.32 -13.40 -0.04
N MET B 212 -4.56 -12.55 0.96
CA MET B 212 -4.18 -11.15 0.95
C MET B 212 -3.72 -10.77 2.34
N LEU B 213 -2.60 -10.05 2.42
CA LEU B 213 -2.06 -9.56 3.69
C LEU B 213 -1.59 -8.14 3.49
N PHE B 214 -1.95 -7.24 4.42
CA PHE B 214 -1.60 -5.83 4.37
C PHE B 214 -1.04 -5.42 5.71
N MET B 215 0.27 -5.22 5.74
CA MET B 215 1.02 -4.92 6.95
C MET B 215 1.45 -3.46 6.97
N THR B 216 1.45 -2.86 8.14
CA THR B 216 2.05 -1.54 8.33
CA THR B 216 2.00 -1.52 8.35
C THR B 216 2.97 -1.57 9.53
N LEU B 217 4.15 -0.98 9.35
CA LEU B 217 5.18 -0.93 10.38
C LEU B 217 5.48 0.51 10.77
N GLU B 218 5.69 0.73 12.07
CA GLU B 218 6.12 2.02 12.57
C GLU B 218 7.42 1.81 13.34
N PHE B 219 8.44 2.57 13.00
CA PHE B 219 9.76 2.41 13.58
C PHE B 219 10.05 3.52 14.59
N PRO B 220 10.91 3.27 15.59
CA PRO B 220 11.21 4.30 16.61
C PRO B 220 11.78 5.58 16.05
N SER B 221 12.46 5.53 14.91
CA SER B 221 13.00 6.74 14.31
C SER B 221 11.93 7.62 13.70
N GLY B 222 10.70 7.12 13.61
CA GLY B 222 9.63 7.78 12.91
C GLY B 222 9.41 7.28 11.51
N LYS B 223 10.32 6.46 10.98
CA LYS B 223 10.12 5.91 9.66
C LYS B 223 8.94 4.95 9.64
N LEU B 224 8.34 4.80 8.47
CA LEU B 224 7.11 4.05 8.30
C LEU B 224 7.27 3.06 7.15
N ALA B 225 6.51 1.95 7.19
CA ALA B 225 6.55 1.04 6.04
C ALA B 225 5.20 0.37 5.86
N THR B 226 4.90 0.05 4.61
CA THR B 226 3.76 -0.80 4.28
C THR B 226 4.26 -1.98 3.46
N LEU B 227 3.65 -3.14 3.65
CA LEU B 227 4.06 -4.37 2.97
C LEU B 227 2.79 -5.14 2.63
N GLU B 228 2.67 -5.58 1.39
CA GLU B 228 1.53 -6.36 0.95
C GLU B 228 2.00 -7.66 0.33
N TRP B 229 1.21 -8.72 0.52
CA TRP B 229 1.44 -9.98 -0.15
C TRP B 229 0.09 -10.57 -0.54
N GLY B 230 0.09 -11.37 -1.59
CA GLY B 230 -0.97 -12.32 -1.72
C GLY B 230 -1.01 -13.01 -3.06
N SER B 231 -2.03 -13.87 -3.17
CA SER B 231 -2.23 -14.72 -4.31
C SER B 231 -3.62 -14.57 -4.91
N ALA B 232 -4.33 -13.51 -4.54
CA ALA B 232 -5.65 -13.24 -5.07
C ALA B 232 -5.70 -11.89 -5.78
N PHE B 233 -4.57 -11.47 -6.38
CA PHE B 233 -4.46 -10.18 -7.05
C PHE B 233 -4.37 -10.37 -8.55
N ASN B 234 -5.38 -9.92 -9.29
CA ASN B 234 -5.32 -9.92 -10.74
C ASN B 234 -4.66 -8.66 -11.30
N TRP B 235 -4.12 -7.81 -10.43
CA TRP B 235 -3.23 -6.71 -10.80
C TRP B 235 -1.88 -7.04 -10.18
N PRO B 236 -0.94 -7.62 -10.91
CA PRO B 236 0.28 -8.13 -10.27
C PRO B 236 1.33 -7.03 -10.09
N GLU B 237 1.97 -7.05 -8.92
CA GLU B 237 3.08 -6.16 -8.64
C GLU B 237 4.03 -6.86 -7.71
N HIS B 238 5.32 -6.56 -7.83
CA HIS B 238 6.32 -7.16 -6.96
C HIS B 238 7.48 -6.19 -6.89
N TYR B 239 7.62 -5.52 -5.77
CA TYR B 239 8.63 -4.45 -5.66
C TYR B 239 8.98 -4.14 -4.22
N VAL B 240 10.08 -3.40 -4.09
CA VAL B 240 10.44 -2.67 -2.86
C VAL B 240 10.69 -1.23 -3.29
N ILE B 241 10.03 -0.28 -2.62
CA ILE B 241 10.27 1.15 -2.84
C ILE B 241 10.86 1.72 -1.55
N ILE B 242 11.90 2.55 -1.69
CA ILE B 242 12.46 3.30 -0.57
C ILE B 242 12.31 4.78 -0.88
N ASN B 243 11.63 5.51 0.00
CA ASN B 243 11.41 6.94 -0.17
C ASN B 243 12.30 7.73 0.78
N GLY B 244 13.06 8.67 0.22
CA GLY B 244 13.89 9.56 1.00
C GLY B 244 13.56 11.04 0.78
N THR B 245 14.26 11.88 1.54
CA THR B 245 14.01 13.30 1.41
C THR B 245 14.51 13.87 0.09
N LYS B 246 15.52 13.26 -0.53
CA LYS B 246 16.11 13.80 -1.75
C LYS B 246 15.76 13.01 -3.00
N GLY B 247 15.25 11.79 -2.85
CA GLY B 247 14.88 10.98 -3.98
C GLY B 247 14.27 9.70 -3.48
N SER B 248 13.99 8.80 -4.43
CA SER B 248 13.42 7.49 -4.10
C SER B 248 14.04 6.44 -4.99
N ILE B 249 13.98 5.20 -4.51
CA ILE B 249 14.47 4.03 -5.23
C ILE B 249 13.32 3.05 -5.37
N LYS B 250 13.18 2.44 -6.54
CA LYS B 250 12.30 1.30 -6.71
C LYS B 250 13.12 0.11 -7.20
N ILE B 251 12.98 -1.01 -6.51
CA ILE B 251 13.52 -2.29 -6.96
C ILE B 251 12.32 -3.08 -7.43
N ASP B 252 12.09 -3.11 -8.74
CA ASP B 252 10.89 -3.72 -9.31
C ASP B 252 11.31 -5.11 -9.77
N MET B 253 10.72 -6.13 -9.17
CA MET B 253 11.01 -7.48 -9.59
CA MET B 253 10.98 -7.51 -9.56
C MET B 253 10.09 -7.99 -10.69
N GLN B 254 8.91 -7.41 -10.80
CA GLN B 254 7.93 -7.81 -11.81
C GLN B 254 8.34 -7.30 -13.19
N GLU B 255 8.46 -5.98 -13.33
CA GLU B 255 8.93 -5.37 -14.57
C GLU B 255 10.40 -5.07 -14.30
N THR B 256 11.20 -6.11 -14.37
CA THR B 256 12.42 -6.21 -13.58
C THR B 256 13.41 -5.09 -13.90
N ALA B 257 13.65 -4.23 -12.92
CA ALA B 257 14.50 -3.06 -13.10
C ALA B 257 14.64 -2.32 -11.78
N GLY B 258 15.82 -1.76 -11.52
CA GLY B 258 15.99 -0.78 -10.47
C GLY B 258 15.90 0.63 -11.04
N SER B 259 15.27 1.52 -10.26
CA SER B 259 15.11 2.92 -10.63
C SER B 259 15.56 3.79 -9.46
N LEU B 260 16.42 4.76 -9.75
CA LEU B 260 16.85 5.79 -8.81
C LEU B 260 16.29 7.10 -9.35
N ARG B 261 15.34 7.70 -8.60
CA ARG B 261 14.62 8.89 -9.05
C ARG B 261 15.03 10.08 -8.18
N ILE B 262 15.70 11.05 -8.78
CA ILE B 262 16.18 12.25 -8.08
C ILE B 262 15.88 13.44 -8.96
N GLY B 263 15.25 14.45 -8.39
CA GLY B 263 14.85 15.61 -9.17
C GLY B 263 14.01 15.24 -10.38
N GLY B 264 13.12 14.26 -10.22
CA GLY B 264 12.29 13.85 -11.33
C GLY B 264 13.02 13.21 -12.49
N GLN B 265 14.32 12.97 -12.38
CA GLN B 265 15.08 12.19 -13.37
C GLN B 265 15.30 10.80 -12.81
N THR B 266 15.18 9.78 -13.67
CA THR B 266 15.27 8.40 -13.23
C THR B 266 16.47 7.75 -13.90
N LYS B 267 17.33 7.12 -13.10
CA LYS B 267 18.48 6.37 -13.57
C LYS B 267 18.24 4.88 -13.30
N HIS B 268 18.54 4.06 -14.29
CA HIS B 268 18.35 2.63 -14.20
C HIS B 268 19.53 1.94 -13.54
N PHE B 269 19.23 0.87 -12.79
CA PHE B 269 20.25 -0.05 -12.30
C PHE B 269 19.68 -1.45 -12.30
N LEU B 270 20.56 -2.43 -12.19
CA LEU B 270 20.17 -3.83 -12.32
C LEU B 270 19.65 -4.40 -11.00
N VAL B 271 18.61 -5.22 -11.07
CA VAL B 271 18.19 -5.99 -9.92
C VAL B 271 19.10 -7.19 -9.71
N HIS B 272 19.43 -7.89 -10.79
CA HIS B 272 20.23 -9.10 -10.73
C HIS B 272 21.60 -8.82 -11.35
N GLU B 273 22.32 -9.88 -11.78
CA GLU B 273 23.74 -9.71 -12.06
C GLU B 273 24.02 -9.01 -13.37
N THR B 274 23.14 -9.18 -14.36
CA THR B 274 23.34 -8.64 -15.68
C THR B 274 21.99 -8.24 -16.25
N GLN B 275 22.02 -7.43 -17.29
CA GLN B 275 20.77 -7.08 -17.95
C GLN B 275 20.05 -8.31 -18.49
N GLU B 276 20.82 -9.31 -18.96
CA GLU B 276 20.21 -10.56 -19.40
C GLU B 276 19.39 -11.20 -18.29
N GLU B 277 19.92 -11.22 -17.07
CA GLU B 277 19.19 -11.81 -15.96
C GLU B 277 17.89 -11.05 -15.69
N ASP B 278 17.98 -9.71 -15.66
CA ASP B 278 16.77 -8.92 -15.43
C ASP B 278 15.77 -9.13 -16.56
N ASP B 279 16.24 -9.12 -17.81
CA ASP B 279 15.35 -9.23 -18.94
C ASP B 279 14.66 -10.58 -18.95
N ASP B 280 15.40 -11.64 -18.61
N ASP B 280 15.40 -11.64 -18.64
CA ASP B 280 14.81 -12.98 -18.60
CA ASP B 280 14.82 -12.98 -18.57
C ASP B 280 13.84 -13.16 -17.43
C ASP B 280 13.77 -13.04 -17.48
N ARG B 281 14.08 -12.48 -16.30
CA ARG B 281 13.09 -12.51 -15.23
C ARG B 281 11.82 -11.79 -15.68
N ARG B 282 11.98 -10.65 -16.34
CA ARG B 282 10.80 -9.89 -16.77
C ARG B 282 10.00 -10.66 -17.81
N LYS B 283 10.69 -11.25 -18.79
CA LYS B 283 10.00 -12.02 -19.83
C LYS B 283 9.22 -13.17 -19.21
N GLY B 284 9.82 -13.85 -18.22
CA GLY B 284 9.14 -14.97 -17.60
C GLY B 284 7.94 -14.55 -16.79
N ASN B 285 7.99 -13.38 -16.18
CA ASN B 285 6.81 -12.89 -15.47
C ASN B 285 5.68 -12.61 -16.45
N MET B 286 6.02 -12.11 -17.65
CA MET B 286 5.00 -11.84 -18.66
C MET B 286 4.41 -13.14 -19.21
N THR B 287 5.27 -14.14 -19.42
CA THR B 287 4.84 -15.44 -19.94
C THR B 287 3.87 -16.12 -18.99
N LYS B 302 14.04 -25.97 -14.00
CA LYS B 302 13.05 -24.91 -13.94
C LYS B 302 13.45 -23.81 -12.96
N THR B 303 14.73 -23.74 -12.63
CA THR B 303 15.25 -22.62 -11.86
C THR B 303 15.62 -21.51 -12.83
N PRO B 304 15.04 -20.33 -12.73
CA PRO B 304 15.40 -19.26 -13.65
C PRO B 304 16.82 -18.77 -13.41
N LEU B 305 17.38 -18.17 -14.45
CA LEU B 305 18.78 -17.75 -14.43
C LEU B 305 19.09 -16.89 -13.20
N TRP B 306 18.23 -15.89 -12.93
CA TRP B 306 18.52 -14.97 -11.82
C TRP B 306 18.66 -15.71 -10.50
N LEU B 307 17.84 -16.74 -10.29
CA LEU B 307 17.86 -17.46 -9.03
C LEU B 307 19.02 -18.44 -8.99
N ALA B 308 19.33 -19.07 -10.13
CA ALA B 308 20.48 -19.95 -10.19
C ALA B 308 21.74 -19.18 -9.81
N SER B 309 21.90 -17.97 -10.34
CA SER B 309 23.09 -17.18 -10.02
C SER B 309 23.14 -16.86 -8.54
N LEU B 310 21.98 -16.60 -7.92
CA LEU B 310 21.94 -16.29 -6.49
C LEU B 310 22.29 -17.50 -5.65
N ILE B 311 21.81 -18.70 -6.03
CA ILE B 311 22.16 -19.90 -5.28
C ILE B 311 23.66 -20.15 -5.36
N ARG B 312 24.23 -19.97 -6.54
CA ARG B 312 25.67 -20.10 -6.68
C ARG B 312 26.39 -19.13 -5.75
N LYS B 313 25.92 -17.89 -5.70
CA LYS B 313 26.56 -16.84 -4.91
C LYS B 313 26.38 -17.09 -3.42
N GLU B 314 25.18 -17.47 -2.99
CA GLU B 314 24.92 -17.68 -1.57
C GLU B 314 25.67 -18.90 -1.04
N THR B 315 25.71 -19.99 -1.80
CA THR B 315 26.47 -21.16 -1.36
C THR B 315 27.97 -20.87 -1.35
N LEU B 316 28.44 -20.07 -2.32
CA LEU B 316 29.84 -19.67 -2.30
C LEU B 316 30.16 -18.82 -1.08
N PHE B 317 29.27 -17.91 -0.73
CA PHE B 317 29.46 -17.12 0.49
C PHE B 317 29.56 -18.03 1.72
N LEU B 318 28.61 -18.96 1.87
CA LEU B 318 28.66 -19.89 2.99
C LEU B 318 29.98 -20.63 3.02
N HIS B 319 30.36 -21.21 1.88
CA HIS B 319 31.58 -22.00 1.81
C HIS B 319 32.80 -21.17 2.17
N ASN B 320 32.88 -19.94 1.65
CA ASN B 320 34.01 -19.08 1.96
C ASN B 320 34.06 -18.73 3.43
N ILE B 321 32.91 -18.51 4.06
CA ILE B 321 32.88 -18.23 5.49
C ILE B 321 33.42 -19.43 6.26
N LEU B 322 32.96 -20.63 5.93
CA LEU B 322 33.43 -21.82 6.61
C LEU B 322 34.89 -22.09 6.37
N CYS B 323 35.45 -21.57 5.27
CA CYS B 323 36.88 -21.67 4.99
C CYS B 323 37.69 -20.56 5.64
N GLY B 324 37.04 -19.61 6.30
CA GLY B 324 37.73 -18.61 7.11
C GLY B 324 37.60 -17.18 6.64
N ALA B 325 36.85 -16.88 5.60
CA ALA B 325 36.74 -15.50 5.13
C ALA B 325 35.97 -14.66 6.12
N LYS B 326 36.29 -13.37 6.15
CA LYS B 326 35.53 -12.41 6.93
C LYS B 326 34.32 -11.96 6.14
N PRO B 327 33.12 -11.96 6.73
CA PRO B 327 31.94 -11.47 5.99
C PRO B 327 31.98 -9.97 5.81
N GLU B 328 31.56 -9.52 4.63
CA GLU B 328 31.34 -8.09 4.43
C GLU B 328 30.20 -7.62 5.33
N GLU B 329 30.28 -6.35 5.74
CA GLU B 329 29.32 -5.80 6.67
C GLU B 329 27.87 -5.99 6.20
N ASP B 330 27.68 -6.11 4.89
CA ASP B 330 26.32 -6.26 4.37
C ASP B 330 25.66 -7.52 4.94
N TYR B 331 26.44 -8.57 5.17
CA TYR B 331 25.92 -9.91 5.45
C TYR B 331 26.16 -10.37 6.88
N ILE B 332 26.73 -9.54 7.75
CA ILE B 332 27.04 -9.97 9.11
C ILE B 332 25.78 -10.41 9.84
N ASP B 333 24.65 -9.77 9.59
CA ASP B 333 23.43 -10.12 10.32
C ASP B 333 22.89 -11.48 9.92
N LEU B 334 23.41 -12.07 8.85
CA LEU B 334 23.02 -13.44 8.48
C LEU B 334 23.77 -14.49 9.27
N LEU B 335 24.80 -14.08 10.02
CA LEU B 335 25.67 -14.99 10.73
C LEU B 335 25.60 -14.84 12.25
N ASN B 336 25.01 -13.77 12.75
CA ASN B 336 24.92 -13.52 14.18
C ASN B 336 23.51 -13.71 14.70
N GLY B 337 22.59 -14.19 13.86
CA GLY B 337 21.24 -14.45 14.27
C GLY B 337 20.31 -13.27 14.19
N GLU B 338 20.83 -12.07 13.98
CA GLU B 338 19.99 -10.88 14.10
C GLU B 338 18.97 -10.78 12.97
N ALA B 339 19.36 -11.06 11.74
CA ALA B 339 18.39 -10.99 10.65
C ALA B 339 17.28 -12.01 10.83
N ALA B 340 17.64 -13.23 11.22
CA ALA B 340 16.63 -14.27 11.41
C ALA B 340 15.68 -13.90 12.53
N MET B 341 16.24 -13.54 13.68
CA MET B 341 15.39 -13.27 14.82
C MET B 341 14.52 -12.05 14.57
N SER B 342 15.08 -11.02 13.93
CA SER B 342 14.30 -9.81 13.71
CA SER B 342 14.31 -9.81 13.70
C SER B 342 13.20 -10.03 12.69
N ALA B 343 13.47 -10.81 11.64
CA ALA B 343 12.43 -11.09 10.66
C ALA B 343 11.29 -11.90 11.29
N ILE B 344 11.63 -12.95 12.04
CA ILE B 344 10.61 -13.81 12.64
C ILE B 344 9.86 -13.06 13.73
N ALA B 345 10.55 -12.22 14.50
CA ALA B 345 9.85 -11.44 15.52
C ALA B 345 8.75 -10.58 14.93
N THR B 346 9.06 -9.84 13.86
CA THR B 346 8.06 -8.99 13.26
C THR B 346 6.94 -9.81 12.66
N ALA B 347 7.29 -10.94 12.03
CA ALA B 347 6.26 -11.84 11.49
C ALA B 347 5.35 -12.35 12.59
N ASP B 348 5.92 -12.72 13.75
CA ASP B 348 5.09 -13.18 14.86
C ASP B 348 4.16 -12.07 15.35
N ALA B 349 4.68 -10.84 15.41
CA ALA B 349 3.86 -9.71 15.85
C ALA B 349 2.71 -9.47 14.87
N ALA B 350 3.00 -9.56 13.57
CA ALA B 350 1.95 -9.38 12.57
C ALA B 350 0.92 -10.48 12.65
N THR B 351 1.36 -11.71 12.89
CA THR B 351 0.44 -12.82 13.03
C THR B 351 -0.48 -12.61 14.21
N LEU B 352 0.05 -12.10 15.31
CA LEU B 352 -0.78 -11.79 16.46
C LEU B 352 -1.75 -10.67 16.15
N SER B 353 -1.29 -9.65 15.43
CA SER B 353 -2.16 -8.53 15.08
C SER B 353 -3.34 -8.98 14.24
N ARG B 354 -3.08 -9.85 13.27
CA ARG B 354 -4.14 -10.41 12.45
C ARG B 354 -5.09 -11.27 13.27
N SER B 355 -4.55 -12.13 14.14
CA SER B 355 -5.39 -13.04 14.90
C SER B 355 -6.24 -12.30 15.93
N GLN B 356 -5.70 -11.22 16.53
CA GLN B 356 -6.35 -10.57 17.65
C GLN B 356 -6.96 -9.22 17.30
N ASP B 357 -6.96 -8.86 16.02
CA ASP B 357 -7.67 -7.65 15.56
C ASP B 357 -7.17 -6.41 16.29
N ARG B 358 -5.85 -6.23 16.34
CA ARG B 358 -5.30 -5.11 17.09
C ARG B 358 -3.91 -4.80 16.59
N LYS B 359 -3.46 -3.57 16.87
CA LYS B 359 -2.06 -3.25 16.66
C LYS B 359 -1.22 -3.91 17.75
N VAL B 360 -0.01 -4.34 17.39
CA VAL B 360 0.85 -5.11 18.29
C VAL B 360 2.18 -4.41 18.49
N LYS B 361 2.61 -4.29 19.74
CA LYS B 361 3.95 -3.79 20.03
C LYS B 361 4.97 -4.92 19.92
N ILE B 362 6.09 -4.66 19.24
CA ILE B 362 7.12 -5.69 19.08
C ILE B 362 7.61 -6.19 20.41
N SER B 363 7.55 -5.36 21.46
CA SER B 363 7.96 -5.79 22.78
C SER B 363 7.16 -7.00 23.25
N GLU B 364 5.91 -7.15 22.79
CA GLU B 364 5.10 -8.30 23.18
C GLU B 364 5.72 -9.60 22.71
N ILE B 365 6.45 -9.55 21.62
CA ILE B 365 7.13 -10.74 21.10
C ILE B 365 8.49 -10.89 21.71
N ILE B 366 9.27 -9.81 21.67
CA ILE B 366 10.63 -9.85 22.12
C ILE B 366 10.73 -10.02 23.64
N LYS B 367 9.67 -9.68 24.39
CA LYS B 367 9.72 -9.70 25.87
C LYS B 367 8.78 -10.75 26.48
N HIS B 368 8.12 -11.55 25.64
CA HIS B 368 7.06 -12.43 26.15
C HIS B 368 7.56 -13.38 27.24
N THR B 369 8.74 -13.98 27.05
CA THR B 369 9.23 -14.95 28.02
C THR B 369 10.39 -14.36 28.84
S SO4 C . 3.90 10.80 15.98
O1 SO4 C . 4.01 10.94 14.48
O2 SO4 C . 3.47 12.12 16.60
O3 SO4 C . 5.20 10.32 16.58
O4 SO4 C . 2.97 9.69 16.39
PA NAD D . -8.64 29.19 -1.59
O1A NAD D . -7.76 29.41 -0.40
O2A NAD D . -8.10 29.51 -2.95
O5B NAD D . -10.05 29.97 -1.42
C5B NAD D . -10.72 30.05 -0.23
C4B NAD D . -11.54 31.35 -0.27
O4B NAD D . -12.29 31.36 0.85
C3B NAD D . -10.65 32.63 -0.28
O3B NAD D . -10.99 33.44 -1.32
C2B NAD D . -10.95 33.16 1.14
O2B NAD D . -10.80 34.64 1.14
C1B NAD D . -12.22 32.86 1.36
N9A NAD D . -12.70 32.85 2.72
C8A NAD D . -11.94 32.63 3.80
N7A NAD D . -12.74 32.71 4.87
C5A NAD D . -13.97 33.02 4.44
C6A NAD D . -15.17 33.24 5.09
N6A NAD D . -15.40 33.19 6.50
N1A NAD D . -16.27 33.52 4.42
C2A NAD D . -16.22 33.60 3.08
N3A NAD D . -15.05 33.41 2.45
C4A NAD D . -13.94 33.11 3.12
O3 NAD D . -9.03 27.61 -1.48
PN NAD D . -9.80 26.73 -2.64
O1N NAD D . -8.77 25.95 -3.39
O2N NAD D . -10.72 27.58 -3.45
O5D NAD D . -10.66 25.74 -1.68
C5D NAD D . -11.94 26.07 -1.27
C4D NAD D . -12.78 24.84 -1.19
O4D NAD D . -12.87 24.19 -2.36
C3D NAD D . -12.15 23.74 -0.17
O3D NAD D . -13.33 23.17 0.54
C2D NAD D . -11.50 22.93 -0.93
O2D NAD D . -11.35 21.56 -0.35
C1D NAD D . -12.40 22.78 -2.23
N1N NAD D . -11.79 22.41 -3.39
C2N NAD D . -12.37 21.42 -4.14
C3N NAD D . -11.79 21.00 -5.32
C7N NAD D . -12.50 19.89 -6.11
O7N NAD D . -11.94 19.39 -7.08
N7N NAD D . -13.83 19.49 -5.68
C4N NAD D . -10.63 21.56 -5.76
C5N NAD D . -10.07 22.56 -5.03
C6N NAD D . -10.64 22.98 -3.84
H51A NAD D . -10.10 30.07 0.51
H52A NAD D . -11.32 29.29 -0.13
H4B NAD D . -12.12 31.35 -1.05
H3B NAD D . -9.71 32.37 -0.34
HO3A NAD D . -11.84 33.53 -1.35
H2B NAD D . -10.38 32.75 1.80
HO2A NAD D . -10.86 34.93 1.94
H1B NAD D . -12.79 33.42 0.81
H8A NAD D . -11.04 32.43 3.80
H61A NAD D . -14.92 33.67 7.03
H62A NAD D . -16.02 32.69 6.82
H2A NAD D . -16.97 33.81 2.56
H51N NAD D . -12.33 26.68 -1.90
H52N NAD D . -11.91 26.48 -0.40
H4D NAD D . -13.68 25.07 -0.89
H3D NAD D . -11.55 24.17 0.46
HO3N NAD D . -13.17 23.15 1.38
H2D NAD D . -10.64 23.30 -1.16
HO2N NAD D . -10.81 21.59 0.30
H1D NAD D . -13.16 22.20 -2.04
H2N NAD D . -13.17 21.02 -3.84
H71N NAD D . -14.24 18.88 -6.10
H72N NAD D . -14.19 19.88 -5.00
H4N NAD D . -10.24 21.28 -6.57
H5N NAD D . -9.27 22.95 -5.33
H6N NAD D . -10.24 23.65 -3.33
S SO4 E . -11.62 -13.51 9.10
O1 SO4 E . -11.02 -12.86 10.33
O2 SO4 E . -13.02 -13.01 8.85
O3 SO4 E . -11.64 -14.96 9.51
O4 SO4 E . -10.76 -13.31 7.87
S SO4 F . 32.64 -21.00 -8.22
O1 SO4 F . 33.56 -19.82 -8.40
O2 SO4 F . 31.32 -20.30 -7.96
O3 SO4 F . 32.58 -21.84 -9.46
O4 SO4 F . 33.06 -21.85 -7.03
PA NAD G . 9.84 -29.09 -1.56
O1A NAD G . 8.48 -29.47 -1.09
O2A NAD G . 10.11 -29.10 -3.04
O5B NAD G . 10.98 -29.95 -0.78
C5B NAD G . 10.91 -30.26 0.55
C4B NAD G . 11.68 -31.56 0.78
O4B NAD G . 11.70 -31.78 2.09
C3B NAD G . 11.01 -32.78 0.10
O3B NAD G . 11.92 -33.39 -0.70
C2B NAD G . 10.57 -33.59 1.33
O2B NAD G . 10.58 -35.02 0.95
C1B NAD G . 11.48 -33.34 2.24
N9A NAD G . 11.15 -33.59 3.62
C8A NAD G . 9.93 -33.51 4.15
N7A NAD G . 10.02 -33.82 5.44
C5A NAD G . 11.30 -34.10 5.69
C6A NAD G . 11.95 -34.47 6.83
N6A NAD G . 11.38 -34.67 8.13
N1A NAD G . 13.25 -34.67 6.82
C2A NAD G . 13.94 -34.52 5.68
N3A NAD G . 13.32 -34.18 4.55
C4A NAD G . 11.99 -33.96 4.56
O3 NAD G . 9.99 -27.56 -0.98
PN NAD G . 11.18 -26.51 -1.39
O1N NAD G . 12.44 -27.26 -1.74
O2N NAD G . 10.65 -25.58 -2.43
O5D NAD G . 11.38 -25.72 0.04
C5D NAD G . 12.23 -26.20 1.01
C4D NAD G . 12.81 -25.01 1.75
O4D NAD G . 13.45 -24.18 0.93
C3D NAD G . 11.64 -24.10 2.43
O3D NAD G . 12.21 -23.69 3.75
C2D NAD G . 11.47 -23.15 1.59
O2D NAD G . 10.93 -21.88 2.14
C1D NAD G . 12.90 -22.82 0.99
N1N NAD G . 12.98 -22.20 -0.23
C2N NAD G . 13.82 -21.13 -0.35
C3N NAD G . 13.93 -20.46 -1.56
C7N NAD G . 14.88 -19.26 -1.66
O7N NAD G . 14.94 -18.56 -2.67
N7N NAD G . 15.71 -18.98 -0.53
C4N NAD G . 13.22 -20.85 -2.64
C5N NAD G . 12.40 -21.95 -2.53
C6N NAD G . 12.28 -22.62 -1.31
H51A NAD G . 9.98 -30.39 0.81
H52A NAD G . 11.30 -29.54 1.07
H4B NAD G . 12.59 -31.46 0.46
H3B NAD G . 10.25 -32.49 -0.42
HO3A NAD G . 11.93 -33.03 -1.47
H2B NAD G . 9.69 -33.32 1.63
HO2A NAD G . 9.87 -35.39 1.22
H1B NAD G . 12.31 -33.80 2.01
H8A NAD G . 9.15 -33.28 3.69
H61A NAD G . 11.08 -35.45 8.36
H62A NAD G . 11.33 -34.01 8.68
H2A NAD G . 14.86 -34.67 5.64
H51N NAD G . 12.95 -26.71 0.61
H52N NAD G . 11.75 -26.76 1.64
H4D NAD G . 13.42 -25.33 2.44
H3D NAD G . 10.83 -24.61 2.55
HO3N NAD G . 11.69 -23.93 4.38
H2D NAD G . 10.89 -23.47 0.87
HO2N NAD G . 10.13 -22.00 2.42
H1D NAD G . 13.39 -22.30 1.65
H2N NAD G . 14.31 -20.84 0.39
H71N NAD G . 16.25 -18.32 -0.55
H72N NAD G . 15.66 -19.48 0.17
H4N NAD G . 13.31 -20.42 -3.46
H5N NAD G . 11.90 -22.23 -3.27
H6N NAD G . 11.70 -23.35 -1.23
#